data_2XVC
# 
_entry.id   2XVC 
# 
_audit_conform.dict_name       mmcif_pdbx.dic 
_audit_conform.dict_version    5.391 
_audit_conform.dict_location   http://mmcif.pdb.org/dictionaries/ascii/mmcif_pdbx.dic 
# 
loop_
_database_2.database_id 
_database_2.database_code 
_database_2.pdbx_database_accession 
_database_2.pdbx_DOI 
PDB   2XVC         pdb_00002xvc 10.2210/pdb2xvc/pdb 
PDBE  EBI-45882    ?            ?                   
WWPDB D_1290045882 ?            ?                   
# 
loop_
_pdbx_audit_revision_history.ordinal 
_pdbx_audit_revision_history.data_content_type 
_pdbx_audit_revision_history.major_revision 
_pdbx_audit_revision_history.minor_revision 
_pdbx_audit_revision_history.revision_date 
1 'Structure model' 1 0 2011-02-02 
2 'Structure model' 1 1 2011-05-08 
3 'Structure model' 1 2 2011-07-13 
4 'Structure model' 1 3 2018-01-24 
5 'Structure model' 1 4 2024-05-08 
# 
_pdbx_audit_revision_details.ordinal             1 
_pdbx_audit_revision_details.revision_ordinal    1 
_pdbx_audit_revision_details.data_content_type   'Structure model' 
_pdbx_audit_revision_details.provider            repository 
_pdbx_audit_revision_details.type                'Initial release' 
_pdbx_audit_revision_details.description         ? 
_pdbx_audit_revision_details.details             ? 
# 
loop_
_pdbx_audit_revision_group.ordinal 
_pdbx_audit_revision_group.revision_ordinal 
_pdbx_audit_revision_group.data_content_type 
_pdbx_audit_revision_group.group 
1 2 'Structure model' 'Version format compliance' 
2 3 'Structure model' 'Version format compliance' 
3 4 'Structure model' 'Source and taxonomy'       
4 5 'Structure model' 'Data collection'           
5 5 'Structure model' 'Database references'       
6 5 'Structure model' 'Derived calculations'      
7 5 'Structure model' Other                       
# 
loop_
_pdbx_audit_revision_category.ordinal 
_pdbx_audit_revision_category.revision_ordinal 
_pdbx_audit_revision_category.data_content_type 
_pdbx_audit_revision_category.category 
1 4 'Structure model' entity_src_gen         
2 5 'Structure model' chem_comp_atom         
3 5 'Structure model' chem_comp_bond         
4 5 'Structure model' database_2             
5 5 'Structure model' pdbx_database_status   
6 5 'Structure model' pdbx_struct_conn_angle 
7 5 'Structure model' struct_conn            
8 5 'Structure model' struct_site            
# 
loop_
_pdbx_audit_revision_item.ordinal 
_pdbx_audit_revision_item.revision_ordinal 
_pdbx_audit_revision_item.data_content_type 
_pdbx_audit_revision_item.item 
1  4 'Structure model' '_entity_src_gen.pdbx_host_org_ncbi_taxonomy_id' 
2  4 'Structure model' '_entity_src_gen.pdbx_host_org_scientific_name'  
3  4 'Structure model' '_entity_src_gen.pdbx_host_org_strain'           
4  4 'Structure model' '_entity_src_gen.pdbx_host_org_variant'          
5  5 'Structure model' '_database_2.pdbx_DOI'                           
6  5 'Structure model' '_database_2.pdbx_database_accession'            
7  5 'Structure model' '_pdbx_database_status.status_code_sf'           
8  5 'Structure model' '_pdbx_struct_conn_angle.ptnr1_auth_comp_id'     
9  5 'Structure model' '_pdbx_struct_conn_angle.ptnr1_auth_seq_id'      
10 5 'Structure model' '_pdbx_struct_conn_angle.ptnr1_label_asym_id'    
11 5 'Structure model' '_pdbx_struct_conn_angle.ptnr1_label_atom_id'    
12 5 'Structure model' '_pdbx_struct_conn_angle.ptnr1_label_comp_id'    
13 5 'Structure model' '_pdbx_struct_conn_angle.ptnr1_label_seq_id'     
14 5 'Structure model' '_pdbx_struct_conn_angle.ptnr1_symmetry'         
15 5 'Structure model' '_pdbx_struct_conn_angle.ptnr2_auth_seq_id'      
16 5 'Structure model' '_pdbx_struct_conn_angle.ptnr2_label_asym_id'    
17 5 'Structure model' '_pdbx_struct_conn_angle.ptnr3_auth_comp_id'     
18 5 'Structure model' '_pdbx_struct_conn_angle.ptnr3_auth_seq_id'      
19 5 'Structure model' '_pdbx_struct_conn_angle.ptnr3_label_asym_id'    
20 5 'Structure model' '_pdbx_struct_conn_angle.ptnr3_label_atom_id'    
21 5 'Structure model' '_pdbx_struct_conn_angle.ptnr3_label_comp_id'    
22 5 'Structure model' '_pdbx_struct_conn_angle.ptnr3_label_seq_id'     
23 5 'Structure model' '_pdbx_struct_conn_angle.ptnr3_symmetry'         
24 5 'Structure model' '_pdbx_struct_conn_angle.value'                  
25 5 'Structure model' '_struct_conn.pdbx_dist_value'                   
26 5 'Structure model' '_struct_conn.ptnr1_auth_comp_id'                
27 5 'Structure model' '_struct_conn.ptnr1_auth_seq_id'                 
28 5 'Structure model' '_struct_conn.ptnr1_label_asym_id'               
29 5 'Structure model' '_struct_conn.ptnr1_label_atom_id'               
30 5 'Structure model' '_struct_conn.ptnr1_label_comp_id'               
31 5 'Structure model' '_struct_conn.ptnr1_label_seq_id'                
32 5 'Structure model' '_struct_conn.ptnr1_symmetry'                    
33 5 'Structure model' '_struct_conn.ptnr2_auth_comp_id'                
34 5 'Structure model' '_struct_conn.ptnr2_auth_seq_id'                 
35 5 'Structure model' '_struct_conn.ptnr2_label_asym_id'               
36 5 'Structure model' '_struct_conn.ptnr2_label_atom_id'               
37 5 'Structure model' '_struct_conn.ptnr2_label_comp_id'               
38 5 'Structure model' '_struct_conn.ptnr2_label_seq_id'                
39 5 'Structure model' '_struct_conn.ptnr2_symmetry'                    
40 5 'Structure model' '_struct_site.pdbx_auth_asym_id'                 
41 5 'Structure model' '_struct_site.pdbx_auth_comp_id'                 
42 5 'Structure model' '_struct_site.pdbx_auth_seq_id'                  
# 
_pdbx_database_status.status_code                     REL 
_pdbx_database_status.entry_id                        2XVC 
_pdbx_database_status.deposit_site                    PDBE 
_pdbx_database_status.process_site                    PDBE 
_pdbx_database_status.SG_entry                        . 
_pdbx_database_status.recvd_initial_deposition_date   2010-10-25 
_pdbx_database_status.pdb_format_compatible           Y 
_pdbx_database_status.status_code_sf                  REL 
_pdbx_database_status.status_code_mr                  ? 
_pdbx_database_status.status_code_cs                  ? 
_pdbx_database_status.methods_development_category    ? 
_pdbx_database_status.status_code_nmr_data            ? 
# 
loop_
_audit_author.name 
_audit_author.pdbx_ordinal 
'Samson, R.Y.'   1 
'Obita, T.'      2 
'Hodgson, B.'    3 
'Shaw, M.K.'     4 
'Chong, P.L.'    5 
'Williams, R.L.' 6 
'Bell, S.D.'     7 
# 
_citation.id                        primary 
_citation.title                     
'Molecular and Structural Basis of Escrt-III Recruitment to Membranes During Archaeal Cell Division.' 
_citation.journal_abbrev            Mol.Cell 
_citation.journal_volume            41 
_citation.page_first                186 
_citation.page_last                 ? 
_citation.year                      2011 
_citation.journal_id_ASTM           MOCEFL 
_citation.country                   US 
_citation.journal_id_ISSN           1097-2765 
_citation.journal_id_CSD            2168 
_citation.book_publisher            ? 
_citation.pdbx_database_id_PubMed   21255729 
_citation.pdbx_database_id_DOI      10.1016/J.MOLCEL.2010.12.018 
# 
loop_
_citation_author.citation_id 
_citation_author.name 
_citation_author.ordinal 
_citation_author.identifier_ORCID 
primary 'Samson, R.Y.'   1 ? 
primary 'Obita, T.'      2 ? 
primary 'Hodgson, B.'    3 ? 
primary 'Shaw, M.K.'     4 ? 
primary 'Chong, P.L.'    5 ? 
primary 'Williams, R.L.' 6 ? 
primary 'Bell, S.D.'     7 ? 
# 
loop_
_entity.id 
_entity.type 
_entity.src_method 
_entity.pdbx_description 
_entity.formula_weight 
_entity.pdbx_number_of_molecules 
_entity.pdbx_ec 
_entity.pdbx_mutation 
_entity.pdbx_fragment 
_entity.details 
1 polymer     man ESCRT-III       6831.850 1  ? ? 'WINGED-HELIX DOMAIN, RESIDUES 210-259' ? 
2 polymer     syn 'CDVA, SSO0911' 1633.988 1  ? ? 'RESIDUES 251-265'                      ? 
3 non-polymer syn 'CADMIUM ION'   112.411  2  ? ? ?                                       ? 
4 water       nat water           18.015   20 ? ? ?                                       ? 
# 
loop_
_entity_name_com.entity_id 
_entity_name_com.name 
1 SSO0910 
2 SSO0911 
# 
loop_
_entity_poly.entity_id 
_entity_poly.type 
_entity_poly.nstd_linkage 
_entity_poly.nstd_monomer 
_entity_poly.pdbx_seq_one_letter_code 
_entity_poly.pdbx_seq_one_letter_code_can 
_entity_poly.pdbx_strand_id 
_entity_poly.pdbx_target_identifier 
1 'polypeptide(L)' no no MAHHHHHHMITERELLDYIVNNGGFLDIEHFSKVYGVEKQEVVKLLEALKNKGLIAVES 
MAHHHHHHMITERELLDYIVNNGGFLDIEHFSKVYGVEKQEVVKLLEALKNKGLIAVES A ? 
2 'polypeptide(L)' no no SEIPLPIPVKVINTL                                             SEIPLPIPVKVINTL B ? 
# 
loop_
_pdbx_entity_nonpoly.entity_id 
_pdbx_entity_nonpoly.name 
_pdbx_entity_nonpoly.comp_id 
3 'CADMIUM ION' CD  
4 water         HOH 
# 
loop_
_entity_poly_seq.entity_id 
_entity_poly_seq.num 
_entity_poly_seq.mon_id 
_entity_poly_seq.hetero 
1 1  MET n 
1 2  ALA n 
1 3  HIS n 
1 4  HIS n 
1 5  HIS n 
1 6  HIS n 
1 7  HIS n 
1 8  HIS n 
1 9  MET n 
1 10 ILE n 
1 11 THR n 
1 12 GLU n 
1 13 ARG n 
1 14 GLU n 
1 15 LEU n 
1 16 LEU n 
1 17 ASP n 
1 18 TYR n 
1 19 ILE n 
1 20 VAL n 
1 21 ASN n 
1 22 ASN n 
1 23 GLY n 
1 24 GLY n 
1 25 PHE n 
1 26 LEU n 
1 27 ASP n 
1 28 ILE n 
1 29 GLU n 
1 30 HIS n 
1 31 PHE n 
1 32 SER n 
1 33 LYS n 
1 34 VAL n 
1 35 TYR n 
1 36 GLY n 
1 37 VAL n 
1 38 GLU n 
1 39 LYS n 
1 40 GLN n 
1 41 GLU n 
1 42 VAL n 
1 43 VAL n 
1 44 LYS n 
1 45 LEU n 
1 46 LEU n 
1 47 GLU n 
1 48 ALA n 
1 49 LEU n 
1 50 LYS n 
1 51 ASN n 
1 52 LYS n 
1 53 GLY n 
1 54 LEU n 
1 55 ILE n 
1 56 ALA n 
1 57 VAL n 
1 58 GLU n 
1 59 SER n 
2 1  SER n 
2 2  GLU n 
2 3  ILE n 
2 4  PRO n 
2 5  LEU n 
2 6  PRO n 
2 7  ILE n 
2 8  PRO n 
2 9  VAL n 
2 10 LYS n 
2 11 VAL n 
2 12 ILE n 
2 13 ASN n 
2 14 THR n 
2 15 LEU n 
# 
_entity_src_gen.entity_id                          1 
_entity_src_gen.pdbx_src_id                        1 
_entity_src_gen.pdbx_alt_source_flag               sample 
_entity_src_gen.pdbx_seq_type                      ? 
_entity_src_gen.pdbx_beg_seq_num                   ? 
_entity_src_gen.pdbx_end_seq_num                   ? 
_entity_src_gen.gene_src_common_name               ? 
_entity_src_gen.gene_src_genus                     ? 
_entity_src_gen.pdbx_gene_src_gene                 ? 
_entity_src_gen.gene_src_species                   ? 
_entity_src_gen.gene_src_strain                    ? 
_entity_src_gen.gene_src_tissue                    ? 
_entity_src_gen.gene_src_tissue_fraction           ? 
_entity_src_gen.gene_src_details                   ? 
_entity_src_gen.pdbx_gene_src_fragment             ? 
_entity_src_gen.pdbx_gene_src_scientific_name      'SULFOLOBUS SOLFATARICUS' 
_entity_src_gen.pdbx_gene_src_ncbi_taxonomy_id     2287 
_entity_src_gen.pdbx_gene_src_variant              ? 
_entity_src_gen.pdbx_gene_src_cell_line            ? 
_entity_src_gen.pdbx_gene_src_atcc                 ? 
_entity_src_gen.pdbx_gene_src_organ                ? 
_entity_src_gen.pdbx_gene_src_organelle            ? 
_entity_src_gen.pdbx_gene_src_cell                 ? 
_entity_src_gen.pdbx_gene_src_cellular_location    ? 
_entity_src_gen.host_org_common_name               ? 
_entity_src_gen.pdbx_host_org_scientific_name      'ESCHERICHIA COLI BL21(DE3)' 
_entity_src_gen.pdbx_host_org_ncbi_taxonomy_id     469008 
_entity_src_gen.host_org_genus                     ? 
_entity_src_gen.pdbx_host_org_gene                 ? 
_entity_src_gen.pdbx_host_org_organ                ? 
_entity_src_gen.host_org_species                   ? 
_entity_src_gen.pdbx_host_org_tissue               ? 
_entity_src_gen.pdbx_host_org_tissue_fraction      ? 
_entity_src_gen.pdbx_host_org_strain               ? 
_entity_src_gen.pdbx_host_org_variant              C41 
_entity_src_gen.pdbx_host_org_cell_line            ? 
_entity_src_gen.pdbx_host_org_atcc                 ? 
_entity_src_gen.pdbx_host_org_culture_collection   ? 
_entity_src_gen.pdbx_host_org_cell                 ? 
_entity_src_gen.pdbx_host_org_organelle            ? 
_entity_src_gen.pdbx_host_org_cellular_location    ? 
_entity_src_gen.pdbx_host_org_vector_type          PLASMID 
_entity_src_gen.pdbx_host_org_vector               POPTH 
_entity_src_gen.host_org_details                   ? 
_entity_src_gen.expression_system_id               ? 
_entity_src_gen.plasmid_name                       TO149 
_entity_src_gen.plasmid_details                    ? 
_entity_src_gen.pdbx_description                   ? 
# 
_pdbx_entity_src_syn.entity_id              2 
_pdbx_entity_src_syn.pdbx_src_id            1 
_pdbx_entity_src_syn.pdbx_alt_source_flag   sample 
_pdbx_entity_src_syn.pdbx_beg_seq_num       ? 
_pdbx_entity_src_syn.pdbx_end_seq_num       ? 
_pdbx_entity_src_syn.organism_scientific    'SULFOLOBUS SOLFATARICUS' 
_pdbx_entity_src_syn.organism_common_name   ? 
_pdbx_entity_src_syn.ncbi_taxonomy_id       2287 
_pdbx_entity_src_syn.details                ? 
# 
loop_
_chem_comp.id 
_chem_comp.type 
_chem_comp.mon_nstd_flag 
_chem_comp.name 
_chem_comp.pdbx_synonyms 
_chem_comp.formula 
_chem_comp.formula_weight 
ALA 'L-peptide linking' y ALANINE         ? 'C3 H7 N O2'     89.093  
ARG 'L-peptide linking' y ARGININE        ? 'C6 H15 N4 O2 1' 175.209 
ASN 'L-peptide linking' y ASPARAGINE      ? 'C4 H8 N2 O3'    132.118 
ASP 'L-peptide linking' y 'ASPARTIC ACID' ? 'C4 H7 N O4'     133.103 
CD  non-polymer         . 'CADMIUM ION'   ? 'Cd 2'           112.411 
GLN 'L-peptide linking' y GLUTAMINE       ? 'C5 H10 N2 O3'   146.144 
GLU 'L-peptide linking' y 'GLUTAMIC ACID' ? 'C5 H9 N O4'     147.129 
GLY 'peptide linking'   y GLYCINE         ? 'C2 H5 N O2'     75.067  
HIS 'L-peptide linking' y HISTIDINE       ? 'C6 H10 N3 O2 1' 156.162 
HOH non-polymer         . WATER           ? 'H2 O'           18.015  
ILE 'L-peptide linking' y ISOLEUCINE      ? 'C6 H13 N O2'    131.173 
LEU 'L-peptide linking' y LEUCINE         ? 'C6 H13 N O2'    131.173 
LYS 'L-peptide linking' y LYSINE          ? 'C6 H15 N2 O2 1' 147.195 
MET 'L-peptide linking' y METHIONINE      ? 'C5 H11 N O2 S'  149.211 
PHE 'L-peptide linking' y PHENYLALANINE   ? 'C9 H11 N O2'    165.189 
PRO 'L-peptide linking' y PROLINE         ? 'C5 H9 N O2'     115.130 
SER 'L-peptide linking' y SERINE          ? 'C3 H7 N O3'     105.093 
THR 'L-peptide linking' y THREONINE       ? 'C4 H9 N O3'     119.119 
TYR 'L-peptide linking' y TYROSINE        ? 'C9 H11 N O3'    181.189 
VAL 'L-peptide linking' y VALINE          ? 'C5 H11 N O2'    117.146 
# 
loop_
_pdbx_poly_seq_scheme.asym_id 
_pdbx_poly_seq_scheme.entity_id 
_pdbx_poly_seq_scheme.seq_id 
_pdbx_poly_seq_scheme.mon_id 
_pdbx_poly_seq_scheme.ndb_seq_num 
_pdbx_poly_seq_scheme.pdb_seq_num 
_pdbx_poly_seq_scheme.auth_seq_num 
_pdbx_poly_seq_scheme.pdb_mon_id 
_pdbx_poly_seq_scheme.auth_mon_id 
_pdbx_poly_seq_scheme.pdb_strand_id 
_pdbx_poly_seq_scheme.pdb_ins_code 
_pdbx_poly_seq_scheme.hetero 
A 1 1  MET 1  201 ?   ?   ?   A . n 
A 1 2  ALA 2  202 ?   ?   ?   A . n 
A 1 3  HIS 3  203 ?   ?   ?   A . n 
A 1 4  HIS 4  204 204 HIS HIS A . n 
A 1 5  HIS 5  205 205 HIS HIS A . n 
A 1 6  HIS 6  206 206 HIS HIS A . n 
A 1 7  HIS 7  207 207 HIS HIS A . n 
A 1 8  HIS 8  208 208 HIS HIS A . n 
A 1 9  MET 9  209 209 MET MET A . n 
A 1 10 ILE 10 210 210 ILE ILE A . n 
A 1 11 THR 11 211 211 THR THR A . n 
A 1 12 GLU 12 212 212 GLU GLU A . n 
A 1 13 ARG 13 213 213 ARG ARG A . n 
A 1 14 GLU 14 214 214 GLU GLU A . n 
A 1 15 LEU 15 215 215 LEU LEU A . n 
A 1 16 LEU 16 216 216 LEU LEU A . n 
A 1 17 ASP 17 217 217 ASP ASP A . n 
A 1 18 TYR 18 218 218 TYR TYR A . n 
A 1 19 ILE 19 219 219 ILE ILE A . n 
A 1 20 VAL 20 220 220 VAL VAL A . n 
A 1 21 ASN 21 221 221 ASN ASN A . n 
A 1 22 ASN 22 222 222 ASN ASN A . n 
A 1 23 GLY 23 223 223 GLY GLY A . n 
A 1 24 GLY 24 224 224 GLY GLY A . n 
A 1 25 PHE 25 225 225 PHE PHE A . n 
A 1 26 LEU 26 226 226 LEU LEU A . n 
A 1 27 ASP 27 227 227 ASP ASP A . n 
A 1 28 ILE 28 228 228 ILE ILE A . n 
A 1 29 GLU 29 229 229 GLU GLU A . n 
A 1 30 HIS 30 230 230 HIS HIS A . n 
A 1 31 PHE 31 231 231 PHE PHE A . n 
A 1 32 SER 32 232 232 SER SER A . n 
A 1 33 LYS 33 233 233 LYS LYS A . n 
A 1 34 VAL 34 234 234 VAL VAL A . n 
A 1 35 TYR 35 235 235 TYR TYR A . n 
A 1 36 GLY 36 236 236 GLY GLY A . n 
A 1 37 VAL 37 237 237 VAL VAL A . n 
A 1 38 GLU 38 238 238 GLU GLU A . n 
A 1 39 LYS 39 239 239 LYS LYS A . n 
A 1 40 GLN 40 240 240 GLN GLN A . n 
A 1 41 GLU 41 241 241 GLU GLU A . n 
A 1 42 VAL 42 242 242 VAL VAL A . n 
A 1 43 VAL 43 243 243 VAL VAL A . n 
A 1 44 LYS 44 244 244 LYS LYS A . n 
A 1 45 LEU 45 245 245 LEU LEU A . n 
A 1 46 LEU 46 246 246 LEU LEU A . n 
A 1 47 GLU 47 247 247 GLU GLU A . n 
A 1 48 ALA 48 248 248 ALA ALA A . n 
A 1 49 LEU 49 249 249 LEU LEU A . n 
A 1 50 LYS 50 250 250 LYS LYS A . n 
A 1 51 ASN 51 251 251 ASN ASN A . n 
A 1 52 LYS 52 252 252 LYS LYS A . n 
A 1 53 GLY 53 253 253 GLY GLY A . n 
A 1 54 LEU 54 254 254 LEU LEU A . n 
A 1 55 ILE 55 255 255 ILE ILE A . n 
A 1 56 ALA 56 256 256 ALA ALA A . n 
A 1 57 VAL 57 257 257 VAL VAL A . n 
A 1 58 GLU 58 258 258 GLU GLU A . n 
A 1 59 SER 59 259 259 SER SER A . n 
B 2 1  SER 1  251 ?   ?   ?   B . n 
B 2 2  GLU 2  252 ?   ?   ?   B . n 
B 2 3  ILE 3  253 253 ILE ILE B . n 
B 2 4  PRO 4  254 254 PRO PRO B . n 
B 2 5  LEU 5  255 255 LEU LEU B . n 
B 2 6  PRO 6  256 256 PRO PRO B . n 
B 2 7  ILE 7  257 257 ILE ILE B . n 
B 2 8  PRO 8  258 258 PRO PRO B . n 
B 2 9  VAL 9  259 259 VAL VAL B . n 
B 2 10 LYS 10 260 260 LYS LYS B . n 
B 2 11 VAL 11 261 261 VAL VAL B . n 
B 2 12 ILE 12 262 262 ILE ILE B . n 
B 2 13 ASN 13 263 263 ASN ASN B . n 
B 2 14 THR 14 264 264 THR THR B . n 
B 2 15 LEU 15 265 265 LEU LEU B . n 
# 
loop_
_pdbx_nonpoly_scheme.asym_id 
_pdbx_nonpoly_scheme.entity_id 
_pdbx_nonpoly_scheme.mon_id 
_pdbx_nonpoly_scheme.ndb_seq_num 
_pdbx_nonpoly_scheme.pdb_seq_num 
_pdbx_nonpoly_scheme.auth_seq_num 
_pdbx_nonpoly_scheme.pdb_mon_id 
_pdbx_nonpoly_scheme.auth_mon_id 
_pdbx_nonpoly_scheme.pdb_strand_id 
_pdbx_nonpoly_scheme.pdb_ins_code 
C 3 CD  1  1260 1260 CD  CD  A . 
D 3 CD  1  1261 1261 CD  CD  A . 
E 4 HOH 1  2001 2001 HOH HOH A . 
E 4 HOH 2  2002 2002 HOH HOH A . 
E 4 HOH 3  2003 2003 HOH HOH A . 
E 4 HOH 4  2004 2004 HOH HOH A . 
E 4 HOH 5  2005 2005 HOH HOH A . 
E 4 HOH 6  2006 2006 HOH HOH A . 
E 4 HOH 7  2007 2007 HOH HOH A . 
E 4 HOH 8  2008 2008 HOH HOH A . 
E 4 HOH 9  2009 2009 HOH HOH A . 
E 4 HOH 10 2010 2010 HOH HOH A . 
E 4 HOH 11 2011 2011 HOH HOH A . 
E 4 HOH 12 2012 2012 HOH HOH A . 
E 4 HOH 13 2013 2013 HOH HOH A . 
E 4 HOH 14 2014 2014 HOH HOH A . 
E 4 HOH 15 2015 2015 HOH HOH A . 
E 4 HOH 16 2016 2016 HOH HOH A . 
E 4 HOH 17 2017 2017 HOH HOH A . 
E 4 HOH 18 2018 2018 HOH HOH A . 
F 4 HOH 1  2001 2001 HOH HOH B . 
F 4 HOH 2  2002 2002 HOH HOH B . 
# 
loop_
_software.name 
_software.classification 
_software.version 
_software.citation_id 
_software.pdbx_ordinal 
REFMAC    refinement       5.5.0088 ? 1 
MOSFLM    'data reduction' .        ? 2 
SCALEPACK 'data scaling'   .        ? 3 
SHARP     phasing          .        ? 4 
# 
_cell.entry_id           2XVC 
_cell.length_a           65.240 
_cell.length_b           65.240 
_cell.length_c           60.992 
_cell.angle_alpha        90.00 
_cell.angle_beta         90.00 
_cell.angle_gamma        120.00 
_cell.Z_PDB              6 
_cell.pdbx_unique_axis   ? 
# 
_symmetry.entry_id                         2XVC 
_symmetry.space_group_name_H-M             'P 32 2 1' 
_symmetry.pdbx_full_space_group_name_H-M   ? 
_symmetry.cell_setting                     ? 
_symmetry.Int_Tables_number                154 
# 
_exptl.entry_id          2XVC 
_exptl.method            'X-RAY DIFFRACTION' 
_exptl.crystals_number   1 
# 
_exptl_crystal.id                    1 
_exptl_crystal.density_meas          ? 
_exptl_crystal.density_Matthews      3.5 
_exptl_crystal.density_percent_sol   65 
_exptl_crystal.description           NONE 
# 
_exptl_crystal_grow.crystal_id      1 
_exptl_crystal_grow.method          ? 
_exptl_crystal_grow.temp            ? 
_exptl_crystal_grow.temp_details    ? 
_exptl_crystal_grow.pH              4 
_exptl_crystal_grow.pdbx_pH_range   ? 
_exptl_crystal_grow.pdbx_details    '15% PEG 4000, 5 MM CDCL2, PH 4' 
# 
_diffrn.id                     1 
_diffrn.ambient_temp           100 
_diffrn.ambient_temp_details   ? 
_diffrn.crystal_id             1 
# 
_diffrn_detector.diffrn_id              1 
_diffrn_detector.detector               CCD 
_diffrn_detector.type                   'ADSC CCD' 
_diffrn_detector.pdbx_collection_date   2010-01-21 
_diffrn_detector.details                ? 
# 
_diffrn_radiation.diffrn_id                        1 
_diffrn_radiation.wavelength_id                    1 
_diffrn_radiation.pdbx_monochromatic_or_laue_m_l   M 
_diffrn_radiation.monochromator                    ? 
_diffrn_radiation.pdbx_diffrn_protocol             'SINGLE WAVELENGTH' 
_diffrn_radiation.pdbx_scattering_type             x-ray 
# 
_diffrn_radiation_wavelength.id           1 
_diffrn_radiation_wavelength.wavelength   1.54 
_diffrn_radiation_wavelength.wt           1.0 
# 
_diffrn_source.diffrn_id                   1 
_diffrn_source.source                      SYNCHROTRON 
_diffrn_source.type                        'DIAMOND BEAMLINE I02' 
_diffrn_source.pdbx_synchrotron_site       Diamond 
_diffrn_source.pdbx_synchrotron_beamline   I02 
_diffrn_source.pdbx_wavelength             1.54 
_diffrn_source.pdbx_wavelength_list        ? 
# 
_reflns.pdbx_diffrn_id               1 
_reflns.pdbx_ordinal                 1 
_reflns.entry_id                     2XVC 
_reflns.observed_criterion_sigma_I   2.0 
_reflns.observed_criterion_sigma_F   ? 
_reflns.d_resolution_low             60.99 
_reflns.d_resolution_high            2.15 
_reflns.number_obs                   8461 
_reflns.number_all                   ? 
_reflns.percent_possible_obs         99.7 
_reflns.pdbx_Rmerge_I_obs            0.07 
_reflns.pdbx_Rsym_value              ? 
_reflns.pdbx_netI_over_sigmaI        24.00 
_reflns.B_iso_Wilson_estimate        ? 
_reflns.pdbx_redundancy              10.7 
# 
_reflns_shell.pdbx_diffrn_id         1 
_reflns_shell.pdbx_ordinal           1 
_reflns_shell.d_res_high             2.15 
_reflns_shell.d_res_low              2.27 
_reflns_shell.percent_possible_all   100.0 
_reflns_shell.Rmerge_I_obs           0.62 
_reflns_shell.pdbx_Rsym_value        ? 
_reflns_shell.meanI_over_sigI_obs    5.60 
_reflns_shell.pdbx_redundancy        20.3 
# 
_refine.pdbx_refine_id                           'X-RAY DIFFRACTION' 
_refine.entry_id                                 2XVC 
_refine.pdbx_diffrn_id                           1 
_refine.pdbx_TLS_residual_ADP_flag               ? 
_refine.ls_number_reflns_obs                     8050 
_refine.ls_number_reflns_all                     ? 
_refine.pdbx_ls_sigma_I                          ? 
_refine.pdbx_ls_sigma_F                          . 
_refine.pdbx_data_cutoff_high_absF               ? 
_refine.pdbx_data_cutoff_low_absF                ? 
_refine.pdbx_data_cutoff_high_rms_absF           ? 
_refine.ls_d_res_low                             56.50 
_refine.ls_d_res_high                            2.15 
_refine.ls_percent_reflns_obs                    99.51 
_refine.ls_R_factor_obs                          0.22986 
_refine.ls_R_factor_all                          ? 
_refine.ls_R_factor_R_work                       0.22868 
_refine.ls_R_factor_R_free                       0.25425 
_refine.ls_R_factor_R_free_error                 ? 
_refine.ls_R_factor_R_free_error_details         ? 
_refine.ls_percent_reflns_R_free                 4.7 
_refine.ls_number_reflns_R_free                  393 
_refine.ls_number_parameters                     ? 
_refine.ls_number_restraints                     ? 
_refine.occupancy_min                            ? 
_refine.occupancy_max                            ? 
_refine.correlation_coeff_Fo_to_Fc               0.947 
_refine.correlation_coeff_Fo_to_Fc_free          0.945 
_refine.B_iso_mean                               44.373 
_refine.aniso_B[1][1]                            0.50 
_refine.aniso_B[2][2]                            0.50 
_refine.aniso_B[3][3]                            -0.75 
_refine.aniso_B[1][2]                            0.25 
_refine.aniso_B[1][3]                            0.00 
_refine.aniso_B[2][3]                            0.00 
_refine.solvent_model_details                    MASK 
_refine.solvent_model_param_ksol                 ? 
_refine.solvent_model_param_bsol                 ? 
_refine.pdbx_solvent_vdw_probe_radii             1.40 
_refine.pdbx_solvent_ion_probe_radii             0.80 
_refine.pdbx_solvent_shrinkage_radii             0.80 
_refine.pdbx_ls_cross_valid_method               THROUGHOUT 
_refine.details                                  
'HYDROGENS HAVE BEEN ADDED IN THE RIDING POSITIONS. B VALUES REFINED INDIVIDUALLY.' 
_refine.pdbx_starting_model                      NONE 
_refine.pdbx_method_to_determine_struct          SAD 
_refine.pdbx_isotropic_thermal_model             ? 
_refine.pdbx_stereochemistry_target_values       'MAXIMUM LIKELIHOOD WITH PHASES' 
_refine.pdbx_stereochem_target_val_spec_case     ? 
_refine.pdbx_R_Free_selection_details            RANDOM 
_refine.pdbx_overall_ESU_R                       0.159 
_refine.pdbx_overall_ESU_R_Free                  0.149 
_refine.overall_SU_ML                            0.107 
_refine.pdbx_overall_phase_error                 ? 
_refine.overall_SU_B                             4.026 
_refine.overall_SU_R_Cruickshank_DPI             ? 
_refine.pdbx_overall_SU_R_free_Cruickshank_DPI   ? 
_refine.pdbx_overall_SU_R_Blow_DPI               ? 
_refine.pdbx_overall_SU_R_free_Blow_DPI          ? 
# 
_refine_hist.pdbx_refine_id                   'X-RAY DIFFRACTION' 
_refine_hist.cycle_id                         LAST 
_refine_hist.pdbx_number_atoms_protein        556 
_refine_hist.pdbx_number_atoms_nucleic_acid   0 
_refine_hist.pdbx_number_atoms_ligand         2 
_refine_hist.number_atoms_solvent             20 
_refine_hist.number_atoms_total               578 
_refine_hist.d_res_high                       2.15 
_refine_hist.d_res_low                        56.50 
# 
loop_
_refine_ls_restr.type 
_refine_ls_restr.dev_ideal 
_refine_ls_restr.dev_ideal_target 
_refine_ls_restr.weight 
_refine_ls_restr.number 
_refine_ls_restr.pdbx_refine_id 
_refine_ls_restr.pdbx_restraint_function 
r_bond_refined_d             0.008  0.022  ? 567 'X-RAY DIFFRACTION' ? 
r_bond_other_d               ?      ?      ? ?   'X-RAY DIFFRACTION' ? 
r_angle_refined_deg          1.010  1.965  ? 766 'X-RAY DIFFRACTION' ? 
r_angle_other_deg            ?      ?      ? ?   'X-RAY DIFFRACTION' ? 
r_dihedral_angle_1_deg       4.256  5.000  ? 67  'X-RAY DIFFRACTION' ? 
r_dihedral_angle_2_deg       23.101 25.200 ? 25  'X-RAY DIFFRACTION' ? 
r_dihedral_angle_3_deg       13.393 15.000 ? 106 'X-RAY DIFFRACTION' ? 
r_dihedral_angle_4_deg       15.434 15.000 ? 1   'X-RAY DIFFRACTION' ? 
r_chiral_restr               0.069  0.200  ? 91  'X-RAY DIFFRACTION' ? 
r_gen_planes_refined         0.004  0.021  ? 407 'X-RAY DIFFRACTION' ? 
r_gen_planes_other           ?      ?      ? ?   'X-RAY DIFFRACTION' ? 
r_nbd_refined                ?      ?      ? ?   'X-RAY DIFFRACTION' ? 
r_nbd_other                  ?      ?      ? ?   'X-RAY DIFFRACTION' ? 
r_nbtor_refined              ?      ?      ? ?   'X-RAY DIFFRACTION' ? 
r_nbtor_other                ?      ?      ? ?   'X-RAY DIFFRACTION' ? 
r_xyhbond_nbd_refined        ?      ?      ? ?   'X-RAY DIFFRACTION' ? 
r_xyhbond_nbd_other          ?      ?      ? ?   'X-RAY DIFFRACTION' ? 
r_metal_ion_refined          ?      ?      ? ?   'X-RAY DIFFRACTION' ? 
r_metal_ion_other            ?      ?      ? ?   'X-RAY DIFFRACTION' ? 
r_symmetry_vdw_refined       ?      ?      ? ?   'X-RAY DIFFRACTION' ? 
r_symmetry_vdw_other         ?      ?      ? ?   'X-RAY DIFFRACTION' ? 
r_symmetry_hbond_refined     ?      ?      ? ?   'X-RAY DIFFRACTION' ? 
r_symmetry_hbond_other       ?      ?      ? ?   'X-RAY DIFFRACTION' ? 
r_symmetry_metal_ion_refined ?      ?      ? ?   'X-RAY DIFFRACTION' ? 
r_symmetry_metal_ion_other   ?      ?      ? ?   'X-RAY DIFFRACTION' ? 
r_mcbond_it                  0.549  1.500  ? 342 'X-RAY DIFFRACTION' ? 
r_mcbond_other               ?      ?      ? ?   'X-RAY DIFFRACTION' ? 
r_mcangle_it                 1.109  2.000  ? 558 'X-RAY DIFFRACTION' ? 
r_mcangle_other              ?      ?      ? ?   'X-RAY DIFFRACTION' ? 
r_scbond_it                  1.658  3.000  ? 225 'X-RAY DIFFRACTION' ? 
r_scbond_other               ?      ?      ? ?   'X-RAY DIFFRACTION' ? 
r_scangle_it                 3.007  4.500  ? 208 'X-RAY DIFFRACTION' ? 
r_scangle_other              ?      ?      ? ?   'X-RAY DIFFRACTION' ? 
r_long_range_B_refined       ?      ?      ? ?   'X-RAY DIFFRACTION' ? 
r_long_range_B_other         ?      ?      ? ?   'X-RAY DIFFRACTION' ? 
r_rigid_bond_restr           ?      ?      ? ?   'X-RAY DIFFRACTION' ? 
r_sphericity_free            ?      ?      ? ?   'X-RAY DIFFRACTION' ? 
r_sphericity_bonded          ?      ?      ? ?   'X-RAY DIFFRACTION' ? 
# 
_refine_ls_shell.pdbx_refine_id                   'X-RAY DIFFRACTION' 
_refine_ls_shell.pdbx_total_number_of_bins_used   20 
_refine_ls_shell.d_res_high                       2.150 
_refine_ls_shell.d_res_low                        2.206 
_refine_ls_shell.number_reflns_R_work             590 
_refine_ls_shell.R_factor_R_work                  0.317 
_refine_ls_shell.percent_reflns_obs               100.00 
_refine_ls_shell.R_factor_R_free                  0.348 
_refine_ls_shell.R_factor_R_free_error            ? 
_refine_ls_shell.percent_reflns_R_free            ? 
_refine_ls_shell.number_reflns_R_free             23 
_refine_ls_shell.number_reflns_all                ? 
_refine_ls_shell.R_factor_all                     ? 
# 
_struct.entry_id                  2XVC 
_struct.title                     
'Molecular and structural basis of ESCRT-III recruitment to membranes during archaeal cell division' 
_struct.pdbx_model_details        ? 
_struct.pdbx_CASP_flag            ? 
_struct.pdbx_model_type_details   ? 
# 
_struct_keywords.entry_id        2XVC 
_struct_keywords.pdbx_keywords   'CELL CYCLE' 
_struct_keywords.text            'CELL CYCLE, CELL DIVISION, CYTOKINESIS, WINGED-HELIX' 
# 
loop_
_struct_asym.id 
_struct_asym.pdbx_blank_PDB_chainid_flag 
_struct_asym.pdbx_modified 
_struct_asym.entity_id 
_struct_asym.details 
A N N 1 ? 
B N N 2 ? 
C N N 3 ? 
D N N 3 ? 
E N N 4 ? 
F N N 4 ? 
# 
loop_
_struct_ref.id 
_struct_ref.db_name 
_struct_ref.db_code 
_struct_ref.entity_id 
_struct_ref.pdbx_seq_one_letter_code 
_struct_ref.pdbx_align_begin 
_struct_ref.pdbx_db_accession 
_struct_ref.pdbx_db_isoform 
1 UNP Q97ZJ6_SULSO 1 ? ? Q97ZJ6 ? 
2 UNP Q97ZJ5_SULSO 2 ? ? Q97ZJ5 ? 
# 
loop_
_struct_ref_seq.align_id 
_struct_ref_seq.ref_id 
_struct_ref_seq.pdbx_PDB_id_code 
_struct_ref_seq.pdbx_strand_id 
_struct_ref_seq.seq_align_beg 
_struct_ref_seq.pdbx_seq_align_beg_ins_code 
_struct_ref_seq.seq_align_end 
_struct_ref_seq.pdbx_seq_align_end_ins_code 
_struct_ref_seq.pdbx_db_accession 
_struct_ref_seq.db_align_beg 
_struct_ref_seq.pdbx_db_align_beg_ins_code 
_struct_ref_seq.db_align_end 
_struct_ref_seq.pdbx_db_align_end_ins_code 
_struct_ref_seq.pdbx_auth_seq_align_beg 
_struct_ref_seq.pdbx_auth_seq_align_end 
1 1 2XVC A 10 ? 59 ? Q97ZJ6 210 ? 259 ? 210 259 
2 2 2XVC B 1  ? 15 ? Q97ZJ5 251 ? 265 ? 251 265 
# 
loop_
_struct_ref_seq_dif.align_id 
_struct_ref_seq_dif.pdbx_pdb_id_code 
_struct_ref_seq_dif.mon_id 
_struct_ref_seq_dif.pdbx_pdb_strand_id 
_struct_ref_seq_dif.seq_num 
_struct_ref_seq_dif.pdbx_pdb_ins_code 
_struct_ref_seq_dif.pdbx_seq_db_name 
_struct_ref_seq_dif.pdbx_seq_db_accession_code 
_struct_ref_seq_dif.db_mon_id 
_struct_ref_seq_dif.pdbx_seq_db_seq_num 
_struct_ref_seq_dif.details 
_struct_ref_seq_dif.pdbx_auth_seq_num 
_struct_ref_seq_dif.pdbx_ordinal 
1 2XVC MET A 1 ? UNP Q97ZJ6 ? ? 'expression tag' 201 1 
1 2XVC ALA A 2 ? UNP Q97ZJ6 ? ? 'expression tag' 202 2 
1 2XVC HIS A 3 ? UNP Q97ZJ6 ? ? 'expression tag' 203 3 
1 2XVC HIS A 4 ? UNP Q97ZJ6 ? ? 'expression tag' 204 4 
1 2XVC HIS A 5 ? UNP Q97ZJ6 ? ? 'expression tag' 205 5 
1 2XVC HIS A 6 ? UNP Q97ZJ6 ? ? 'expression tag' 206 6 
1 2XVC HIS A 7 ? UNP Q97ZJ6 ? ? 'expression tag' 207 7 
1 2XVC HIS A 8 ? UNP Q97ZJ6 ? ? 'expression tag' 208 8 
1 2XVC MET A 9 ? UNP Q97ZJ6 ? ? 'expression tag' 209 9 
# 
_pdbx_struct_assembly.id                   1 
_pdbx_struct_assembly.details              software_defined_assembly 
_pdbx_struct_assembly.method_details       PISA 
_pdbx_struct_assembly.oligomeric_details   dimeric 
_pdbx_struct_assembly.oligomeric_count     2 
# 
loop_
_pdbx_struct_assembly_prop.biol_id 
_pdbx_struct_assembly_prop.type 
_pdbx_struct_assembly_prop.value 
_pdbx_struct_assembly_prop.details 
1 'ABSA (A^2)' 1550  ? 
1 MORE         -19.3 ? 
1 'SSA (A^2)'  4670  ? 
# 
_pdbx_struct_assembly_gen.assembly_id       1 
_pdbx_struct_assembly_gen.oper_expression   1 
_pdbx_struct_assembly_gen.asym_id_list      A,B,C,D,E,F 
# 
_pdbx_struct_oper_list.id                   1 
_pdbx_struct_oper_list.type                 'identity operation' 
_pdbx_struct_oper_list.name                 1_555 
_pdbx_struct_oper_list.symmetry_operation   x,y,z 
_pdbx_struct_oper_list.matrix[1][1]         1.0000000000 
_pdbx_struct_oper_list.matrix[1][2]         0.0000000000 
_pdbx_struct_oper_list.matrix[1][3]         0.0000000000 
_pdbx_struct_oper_list.vector[1]            0.0000000000 
_pdbx_struct_oper_list.matrix[2][1]         0.0000000000 
_pdbx_struct_oper_list.matrix[2][2]         1.0000000000 
_pdbx_struct_oper_list.matrix[2][3]         0.0000000000 
_pdbx_struct_oper_list.vector[2]            0.0000000000 
_pdbx_struct_oper_list.matrix[3][1]         0.0000000000 
_pdbx_struct_oper_list.matrix[3][2]         0.0000000000 
_pdbx_struct_oper_list.matrix[3][3]         1.0000000000 
_pdbx_struct_oper_list.vector[3]            0.0000000000 
# 
_struct_biol.id   1 
# 
loop_
_struct_conf.conf_type_id 
_struct_conf.id 
_struct_conf.pdbx_PDB_helix_id 
_struct_conf.beg_label_comp_id 
_struct_conf.beg_label_asym_id 
_struct_conf.beg_label_seq_id 
_struct_conf.pdbx_beg_PDB_ins_code 
_struct_conf.end_label_comp_id 
_struct_conf.end_label_asym_id 
_struct_conf.end_label_seq_id 
_struct_conf.pdbx_end_PDB_ins_code 
_struct_conf.beg_auth_comp_id 
_struct_conf.beg_auth_asym_id 
_struct_conf.beg_auth_seq_id 
_struct_conf.end_auth_comp_id 
_struct_conf.end_auth_asym_id 
_struct_conf.end_auth_seq_id 
_struct_conf.pdbx_PDB_helix_class 
_struct_conf.details 
_struct_conf.pdbx_PDB_helix_length 
HELX_P HELX_P1 1 THR A 11 ? ASN A 22 ? THR A 211 ASN A 222 1 ? 12 
HELX_P HELX_P2 2 ILE A 28 ? GLY A 36 ? ILE A 228 GLY A 236 1 ? 9  
HELX_P HELX_P3 3 GLU A 38 ? LYS A 52 ? GLU A 238 LYS A 252 1 ? 15 
# 
_struct_conf_type.id          HELX_P 
_struct_conf_type.criteria    ? 
_struct_conf_type.reference   ? 
# 
loop_
_struct_conn.id 
_struct_conn.conn_type_id 
_struct_conn.pdbx_leaving_atom_flag 
_struct_conn.pdbx_PDB_id 
_struct_conn.ptnr1_label_asym_id 
_struct_conn.ptnr1_label_comp_id 
_struct_conn.ptnr1_label_seq_id 
_struct_conn.ptnr1_label_atom_id 
_struct_conn.pdbx_ptnr1_label_alt_id 
_struct_conn.pdbx_ptnr1_PDB_ins_code 
_struct_conn.pdbx_ptnr1_standard_comp_id 
_struct_conn.ptnr1_symmetry 
_struct_conn.ptnr2_label_asym_id 
_struct_conn.ptnr2_label_comp_id 
_struct_conn.ptnr2_label_seq_id 
_struct_conn.ptnr2_label_atom_id 
_struct_conn.pdbx_ptnr2_label_alt_id 
_struct_conn.pdbx_ptnr2_PDB_ins_code 
_struct_conn.ptnr1_auth_asym_id 
_struct_conn.ptnr1_auth_comp_id 
_struct_conn.ptnr1_auth_seq_id 
_struct_conn.ptnr2_auth_asym_id 
_struct_conn.ptnr2_auth_comp_id 
_struct_conn.ptnr2_auth_seq_id 
_struct_conn.ptnr2_symmetry 
_struct_conn.pdbx_ptnr3_label_atom_id 
_struct_conn.pdbx_ptnr3_label_seq_id 
_struct_conn.pdbx_ptnr3_label_comp_id 
_struct_conn.pdbx_ptnr3_label_asym_id 
_struct_conn.pdbx_ptnr3_label_alt_id 
_struct_conn.pdbx_ptnr3_PDB_ins_code 
_struct_conn.details 
_struct_conn.pdbx_dist_value 
_struct_conn.pdbx_value_order 
_struct_conn.pdbx_role 
metalc1 metalc ? ? A HIS 5  ND1 ? ? ? 1_555 D CD  . CD ? ? A HIS 205  A CD  1261 1_555 ? ? ? ? ? ? ? 2.409 ? ? 
metalc2 metalc ? ? A HIS 6  ND1 ? ? ? 1_555 C CD  . CD ? ? A HIS 206  A CD  1260 1_555 ? ? ? ? ? ? ? 2.356 ? ? 
metalc3 metalc ? ? A HIS 8  NE2 ? ? ? 1_555 D CD  . CD ? ? A HIS 208  A CD  1261 1_555 ? ? ? ? ? ? ? 2.305 ? ? 
metalc4 metalc ? ? A GLU 38 OE2 ? ? ? 1_555 C CD  . CD ? ? A GLU 238  A CD  1260 1_555 ? ? ? ? ? ? ? 2.837 ? ? 
metalc5 metalc ? ? A GLU 38 OE1 ? ? ? 1_555 C CD  . CD ? ? A GLU 238  A CD  1260 1_555 ? ? ? ? ? ? ? 2.559 ? ? 
metalc6 metalc ? ? A GLU 58 OE1 ? ? ? 2_654 D CD  . CD ? ? A GLU 258  A CD  1261 1_555 ? ? ? ? ? ? ? 2.630 ? ? 
metalc7 metalc ? ? A GLU 58 OE2 ? ? ? 2_654 D CD  . CD ? ? A GLU 258  A CD  1261 1_555 ? ? ? ? ? ? ? 2.359 ? ? 
metalc8 metalc ? ? C CD  .  CD  ? ? ? 1_555 E HOH . O  ? ? A CD  1260 A HOH 2006 1_555 ? ? ? ? ? ? ? 2.712 ? ? 
metalc9 metalc ? ? D CD  .  CD  ? ? ? 1_555 E HOH . O  ? ? A CD  1261 A HOH 2005 1_555 ? ? ? ? ? ? ? 2.147 ? ? 
# 
_struct_conn_type.id          metalc 
_struct_conn_type.criteria    ? 
_struct_conn_type.reference   ? 
# 
loop_
_pdbx_struct_conn_angle.id 
_pdbx_struct_conn_angle.ptnr1_label_atom_id 
_pdbx_struct_conn_angle.ptnr1_label_alt_id 
_pdbx_struct_conn_angle.ptnr1_label_asym_id 
_pdbx_struct_conn_angle.ptnr1_label_comp_id 
_pdbx_struct_conn_angle.ptnr1_label_seq_id 
_pdbx_struct_conn_angle.ptnr1_auth_atom_id 
_pdbx_struct_conn_angle.ptnr1_auth_asym_id 
_pdbx_struct_conn_angle.ptnr1_auth_comp_id 
_pdbx_struct_conn_angle.ptnr1_auth_seq_id 
_pdbx_struct_conn_angle.ptnr1_PDB_ins_code 
_pdbx_struct_conn_angle.ptnr1_symmetry 
_pdbx_struct_conn_angle.ptnr2_label_atom_id 
_pdbx_struct_conn_angle.ptnr2_label_alt_id 
_pdbx_struct_conn_angle.ptnr2_label_asym_id 
_pdbx_struct_conn_angle.ptnr2_label_comp_id 
_pdbx_struct_conn_angle.ptnr2_label_seq_id 
_pdbx_struct_conn_angle.ptnr2_auth_atom_id 
_pdbx_struct_conn_angle.ptnr2_auth_asym_id 
_pdbx_struct_conn_angle.ptnr2_auth_comp_id 
_pdbx_struct_conn_angle.ptnr2_auth_seq_id 
_pdbx_struct_conn_angle.ptnr2_PDB_ins_code 
_pdbx_struct_conn_angle.ptnr2_symmetry 
_pdbx_struct_conn_angle.ptnr3_label_atom_id 
_pdbx_struct_conn_angle.ptnr3_label_alt_id 
_pdbx_struct_conn_angle.ptnr3_label_asym_id 
_pdbx_struct_conn_angle.ptnr3_label_comp_id 
_pdbx_struct_conn_angle.ptnr3_label_seq_id 
_pdbx_struct_conn_angle.ptnr3_auth_atom_id 
_pdbx_struct_conn_angle.ptnr3_auth_asym_id 
_pdbx_struct_conn_angle.ptnr3_auth_comp_id 
_pdbx_struct_conn_angle.ptnr3_auth_seq_id 
_pdbx_struct_conn_angle.ptnr3_PDB_ins_code 
_pdbx_struct_conn_angle.ptnr3_symmetry 
_pdbx_struct_conn_angle.value 
_pdbx_struct_conn_angle.value_esd 
1  ND1 ? A HIS 5  ? A HIS 205 ? 1_555 CD ? D CD . ? A CD 1261 ? 1_555 NE2 ? A HIS 8  ? A HIS 208  ? 1_555 104.1 ? 
2  ND1 ? A HIS 5  ? A HIS 205 ? 1_555 CD ? D CD . ? A CD 1261 ? 1_555 OE1 ? A GLU 58 ? A GLU 258  ? 2_654 84.3  ? 
3  NE2 ? A HIS 8  ? A HIS 208 ? 1_555 CD ? D CD . ? A CD 1261 ? 1_555 OE1 ? A GLU 58 ? A GLU 258  ? 2_654 128.8 ? 
4  ND1 ? A HIS 5  ? A HIS 205 ? 1_555 CD ? D CD . ? A CD 1261 ? 1_555 OE2 ? A GLU 58 ? A GLU 258  ? 2_654 94.4  ? 
5  NE2 ? A HIS 8  ? A HIS 208 ? 1_555 CD ? D CD . ? A CD 1261 ? 1_555 OE2 ? A GLU 58 ? A GLU 258  ? 2_654 77.0  ? 
6  OE1 ? A GLU 58 ? A GLU 258 ? 2_654 CD ? D CD . ? A CD 1261 ? 1_555 OE2 ? A GLU 58 ? A GLU 258  ? 2_654 51.9  ? 
7  ND1 ? A HIS 5  ? A HIS 205 ? 1_555 CD ? D CD . ? A CD 1261 ? 1_555 O   ? E HOH .  ? A HOH 2005 ? 1_555 98.9  ? 
8  NE2 ? A HIS 8  ? A HIS 208 ? 1_555 CD ? D CD . ? A CD 1261 ? 1_555 O   ? E HOH .  ? A HOH 2005 ? 1_555 106.0 ? 
9  OE1 ? A GLU 58 ? A GLU 258 ? 2_654 CD ? D CD . ? A CD 1261 ? 1_555 O   ? E HOH .  ? A HOH 2005 ? 1_555 122.6 ? 
10 OE2 ? A GLU 58 ? A GLU 258 ? 2_654 CD ? D CD . ? A CD 1261 ? 1_555 O   ? E HOH .  ? A HOH 2005 ? 1_555 165.0 ? 
11 ND1 ? A HIS 6  ? A HIS 206 ? 1_555 CD ? C CD . ? A CD 1260 ? 1_555 OE2 ? A GLU 38 ? A GLU 238  ? 1_555 102.7 ? 
12 ND1 ? A HIS 6  ? A HIS 206 ? 1_555 CD ? C CD . ? A CD 1260 ? 1_555 OE1 ? A GLU 38 ? A GLU 238  ? 1_555 150.2 ? 
13 OE2 ? A GLU 38 ? A GLU 238 ? 1_555 CD ? C CD . ? A CD 1260 ? 1_555 OE1 ? A GLU 38 ? A GLU 238  ? 1_555 47.9  ? 
14 ND1 ? A HIS 6  ? A HIS 206 ? 1_555 CD ? C CD . ? A CD 1260 ? 1_555 O   ? E HOH .  ? A HOH 2006 ? 1_555 103.8 ? 
15 OE2 ? A GLU 38 ? A GLU 238 ? 1_555 CD ? C CD . ? A CD 1260 ? 1_555 O   ? E HOH .  ? A HOH 2006 ? 1_555 152.5 ? 
16 OE1 ? A GLU 38 ? A GLU 238 ? 1_555 CD ? C CD . ? A CD 1260 ? 1_555 O   ? E HOH .  ? A HOH 2006 ? 1_555 104.9 ? 
# 
_struct_sheet.id               AA 
_struct_sheet.type             ? 
_struct_sheet.number_strands   3 
_struct_sheet.details          ? 
# 
loop_
_struct_sheet_order.sheet_id 
_struct_sheet_order.range_id_1 
_struct_sheet_order.range_id_2 
_struct_sheet_order.offset 
_struct_sheet_order.sense 
AA 1 2 ? parallel 
AA 2 3 ? parallel 
# 
loop_
_struct_sheet_range.sheet_id 
_struct_sheet_range.id 
_struct_sheet_range.beg_label_comp_id 
_struct_sheet_range.beg_label_asym_id 
_struct_sheet_range.beg_label_seq_id 
_struct_sheet_range.pdbx_beg_PDB_ins_code 
_struct_sheet_range.end_label_comp_id 
_struct_sheet_range.end_label_asym_id 
_struct_sheet_range.end_label_seq_id 
_struct_sheet_range.pdbx_end_PDB_ins_code 
_struct_sheet_range.beg_auth_comp_id 
_struct_sheet_range.beg_auth_asym_id 
_struct_sheet_range.beg_auth_seq_id 
_struct_sheet_range.end_auth_comp_id 
_struct_sheet_range.end_auth_asym_id 
_struct_sheet_range.end_auth_seq_id 
AA 1 PHE A 25 ? ASP A 27 ? PHE A 225 ASP A 227 
AA 2 ILE B 7  ? ILE B 12 ? ILE B 257 ILE B 262 
AA 3 ILE A 55 ? GLU A 58 ? ILE A 255 GLU A 258 
# 
loop_
_pdbx_struct_sheet_hbond.sheet_id 
_pdbx_struct_sheet_hbond.range_id_1 
_pdbx_struct_sheet_hbond.range_id_2 
_pdbx_struct_sheet_hbond.range_1_label_atom_id 
_pdbx_struct_sheet_hbond.range_1_label_comp_id 
_pdbx_struct_sheet_hbond.range_1_label_asym_id 
_pdbx_struct_sheet_hbond.range_1_label_seq_id 
_pdbx_struct_sheet_hbond.range_1_PDB_ins_code 
_pdbx_struct_sheet_hbond.range_1_auth_atom_id 
_pdbx_struct_sheet_hbond.range_1_auth_comp_id 
_pdbx_struct_sheet_hbond.range_1_auth_asym_id 
_pdbx_struct_sheet_hbond.range_1_auth_seq_id 
_pdbx_struct_sheet_hbond.range_2_label_atom_id 
_pdbx_struct_sheet_hbond.range_2_label_comp_id 
_pdbx_struct_sheet_hbond.range_2_label_asym_id 
_pdbx_struct_sheet_hbond.range_2_label_seq_id 
_pdbx_struct_sheet_hbond.range_2_PDB_ins_code 
_pdbx_struct_sheet_hbond.range_2_auth_atom_id 
_pdbx_struct_sheet_hbond.range_2_auth_comp_id 
_pdbx_struct_sheet_hbond.range_2_auth_asym_id 
_pdbx_struct_sheet_hbond.range_2_auth_seq_id 
AA 1 2 N LEU A 26 ? N LEU A 226 O LYS B 10 ? O LYS B 260 
AA 2 3 N VAL B 9  ? N VAL B 259 O ALA A 56 ? O ALA A 256 
# 
loop_
_struct_site.id 
_struct_site.pdbx_evidence_code 
_struct_site.pdbx_auth_asym_id 
_struct_site.pdbx_auth_comp_id 
_struct_site.pdbx_auth_seq_id 
_struct_site.pdbx_auth_ins_code 
_struct_site.pdbx_num_residues 
_struct_site.details 
AC1 Software A CD 1260 ? 3 'BINDING SITE FOR RESIDUE CD A 1260' 
AC2 Software A CD 1261 ? 4 'BINDING SITE FOR RESIDUE CD A 1261' 
# 
loop_
_struct_site_gen.id 
_struct_site_gen.site_id 
_struct_site_gen.pdbx_num_res 
_struct_site_gen.label_comp_id 
_struct_site_gen.label_asym_id 
_struct_site_gen.label_seq_id 
_struct_site_gen.pdbx_auth_ins_code 
_struct_site_gen.auth_comp_id 
_struct_site_gen.auth_asym_id 
_struct_site_gen.auth_seq_id 
_struct_site_gen.label_atom_id 
_struct_site_gen.label_alt_id 
_struct_site_gen.symmetry 
_struct_site_gen.details 
1 AC1 3 HIS A 6  ? HIS A 206  . ? 1_555 ? 
2 AC1 3 GLU A 38 ? GLU A 238  . ? 1_555 ? 
3 AC1 3 HOH E .  ? HOH A 2006 . ? 1_555 ? 
4 AC2 4 HIS A 5  ? HIS A 205  . ? 1_555 ? 
5 AC2 4 HIS A 8  ? HIS A 208  . ? 1_555 ? 
6 AC2 4 GLU A 58 ? GLU A 258  . ? 2_654 ? 
7 AC2 4 HOH E .  ? HOH A 2005 . ? 1_555 ? 
# 
loop_
_pdbx_unobs_or_zero_occ_residues.id 
_pdbx_unobs_or_zero_occ_residues.PDB_model_num 
_pdbx_unobs_or_zero_occ_residues.polymer_flag 
_pdbx_unobs_or_zero_occ_residues.occupancy_flag 
_pdbx_unobs_or_zero_occ_residues.auth_asym_id 
_pdbx_unobs_or_zero_occ_residues.auth_comp_id 
_pdbx_unobs_or_zero_occ_residues.auth_seq_id 
_pdbx_unobs_or_zero_occ_residues.PDB_ins_code 
_pdbx_unobs_or_zero_occ_residues.label_asym_id 
_pdbx_unobs_or_zero_occ_residues.label_comp_id 
_pdbx_unobs_or_zero_occ_residues.label_seq_id 
1 1 Y 1 A MET 201 ? A MET 1 
2 1 Y 1 A ALA 202 ? A ALA 2 
3 1 Y 1 A HIS 203 ? A HIS 3 
4 1 Y 1 B SER 251 ? B SER 1 
5 1 Y 1 B GLU 252 ? B GLU 2 
# 
loop_
_chem_comp_atom.comp_id 
_chem_comp_atom.atom_id 
_chem_comp_atom.type_symbol 
_chem_comp_atom.pdbx_aromatic_flag 
_chem_comp_atom.pdbx_stereo_config 
_chem_comp_atom.pdbx_ordinal 
ALA N    N  N N 1   
ALA CA   C  N S 2   
ALA C    C  N N 3   
ALA O    O  N N 4   
ALA CB   C  N N 5   
ALA OXT  O  N N 6   
ALA H    H  N N 7   
ALA H2   H  N N 8   
ALA HA   H  N N 9   
ALA HB1  H  N N 10  
ALA HB2  H  N N 11  
ALA HB3  H  N N 12  
ALA HXT  H  N N 13  
ARG N    N  N N 14  
ARG CA   C  N S 15  
ARG C    C  N N 16  
ARG O    O  N N 17  
ARG CB   C  N N 18  
ARG CG   C  N N 19  
ARG CD   C  N N 20  
ARG NE   N  N N 21  
ARG CZ   C  N N 22  
ARG NH1  N  N N 23  
ARG NH2  N  N N 24  
ARG OXT  O  N N 25  
ARG H    H  N N 26  
ARG H2   H  N N 27  
ARG HA   H  N N 28  
ARG HB2  H  N N 29  
ARG HB3  H  N N 30  
ARG HG2  H  N N 31  
ARG HG3  H  N N 32  
ARG HD2  H  N N 33  
ARG HD3  H  N N 34  
ARG HE   H  N N 35  
ARG HH11 H  N N 36  
ARG HH12 H  N N 37  
ARG HH21 H  N N 38  
ARG HH22 H  N N 39  
ARG HXT  H  N N 40  
ASN N    N  N N 41  
ASN CA   C  N S 42  
ASN C    C  N N 43  
ASN O    O  N N 44  
ASN CB   C  N N 45  
ASN CG   C  N N 46  
ASN OD1  O  N N 47  
ASN ND2  N  N N 48  
ASN OXT  O  N N 49  
ASN H    H  N N 50  
ASN H2   H  N N 51  
ASN HA   H  N N 52  
ASN HB2  H  N N 53  
ASN HB3  H  N N 54  
ASN HD21 H  N N 55  
ASN HD22 H  N N 56  
ASN HXT  H  N N 57  
ASP N    N  N N 58  
ASP CA   C  N S 59  
ASP C    C  N N 60  
ASP O    O  N N 61  
ASP CB   C  N N 62  
ASP CG   C  N N 63  
ASP OD1  O  N N 64  
ASP OD2  O  N N 65  
ASP OXT  O  N N 66  
ASP H    H  N N 67  
ASP H2   H  N N 68  
ASP HA   H  N N 69  
ASP HB2  H  N N 70  
ASP HB3  H  N N 71  
ASP HD2  H  N N 72  
ASP HXT  H  N N 73  
CD  CD   CD N N 74  
GLN N    N  N N 75  
GLN CA   C  N S 76  
GLN C    C  N N 77  
GLN O    O  N N 78  
GLN CB   C  N N 79  
GLN CG   C  N N 80  
GLN CD   C  N N 81  
GLN OE1  O  N N 82  
GLN NE2  N  N N 83  
GLN OXT  O  N N 84  
GLN H    H  N N 85  
GLN H2   H  N N 86  
GLN HA   H  N N 87  
GLN HB2  H  N N 88  
GLN HB3  H  N N 89  
GLN HG2  H  N N 90  
GLN HG3  H  N N 91  
GLN HE21 H  N N 92  
GLN HE22 H  N N 93  
GLN HXT  H  N N 94  
GLU N    N  N N 95  
GLU CA   C  N S 96  
GLU C    C  N N 97  
GLU O    O  N N 98  
GLU CB   C  N N 99  
GLU CG   C  N N 100 
GLU CD   C  N N 101 
GLU OE1  O  N N 102 
GLU OE2  O  N N 103 
GLU OXT  O  N N 104 
GLU H    H  N N 105 
GLU H2   H  N N 106 
GLU HA   H  N N 107 
GLU HB2  H  N N 108 
GLU HB3  H  N N 109 
GLU HG2  H  N N 110 
GLU HG3  H  N N 111 
GLU HE2  H  N N 112 
GLU HXT  H  N N 113 
GLY N    N  N N 114 
GLY CA   C  N N 115 
GLY C    C  N N 116 
GLY O    O  N N 117 
GLY OXT  O  N N 118 
GLY H    H  N N 119 
GLY H2   H  N N 120 
GLY HA2  H  N N 121 
GLY HA3  H  N N 122 
GLY HXT  H  N N 123 
HIS N    N  N N 124 
HIS CA   C  N S 125 
HIS C    C  N N 126 
HIS O    O  N N 127 
HIS CB   C  N N 128 
HIS CG   C  Y N 129 
HIS ND1  N  Y N 130 
HIS CD2  C  Y N 131 
HIS CE1  C  Y N 132 
HIS NE2  N  Y N 133 
HIS OXT  O  N N 134 
HIS H    H  N N 135 
HIS H2   H  N N 136 
HIS HA   H  N N 137 
HIS HB2  H  N N 138 
HIS HB3  H  N N 139 
HIS HD1  H  N N 140 
HIS HD2  H  N N 141 
HIS HE1  H  N N 142 
HIS HE2  H  N N 143 
HIS HXT  H  N N 144 
HOH O    O  N N 145 
HOH H1   H  N N 146 
HOH H2   H  N N 147 
ILE N    N  N N 148 
ILE CA   C  N S 149 
ILE C    C  N N 150 
ILE O    O  N N 151 
ILE CB   C  N S 152 
ILE CG1  C  N N 153 
ILE CG2  C  N N 154 
ILE CD1  C  N N 155 
ILE OXT  O  N N 156 
ILE H    H  N N 157 
ILE H2   H  N N 158 
ILE HA   H  N N 159 
ILE HB   H  N N 160 
ILE HG12 H  N N 161 
ILE HG13 H  N N 162 
ILE HG21 H  N N 163 
ILE HG22 H  N N 164 
ILE HG23 H  N N 165 
ILE HD11 H  N N 166 
ILE HD12 H  N N 167 
ILE HD13 H  N N 168 
ILE HXT  H  N N 169 
LEU N    N  N N 170 
LEU CA   C  N S 171 
LEU C    C  N N 172 
LEU O    O  N N 173 
LEU CB   C  N N 174 
LEU CG   C  N N 175 
LEU CD1  C  N N 176 
LEU CD2  C  N N 177 
LEU OXT  O  N N 178 
LEU H    H  N N 179 
LEU H2   H  N N 180 
LEU HA   H  N N 181 
LEU HB2  H  N N 182 
LEU HB3  H  N N 183 
LEU HG   H  N N 184 
LEU HD11 H  N N 185 
LEU HD12 H  N N 186 
LEU HD13 H  N N 187 
LEU HD21 H  N N 188 
LEU HD22 H  N N 189 
LEU HD23 H  N N 190 
LEU HXT  H  N N 191 
LYS N    N  N N 192 
LYS CA   C  N S 193 
LYS C    C  N N 194 
LYS O    O  N N 195 
LYS CB   C  N N 196 
LYS CG   C  N N 197 
LYS CD   C  N N 198 
LYS CE   C  N N 199 
LYS NZ   N  N N 200 
LYS OXT  O  N N 201 
LYS H    H  N N 202 
LYS H2   H  N N 203 
LYS HA   H  N N 204 
LYS HB2  H  N N 205 
LYS HB3  H  N N 206 
LYS HG2  H  N N 207 
LYS HG3  H  N N 208 
LYS HD2  H  N N 209 
LYS HD3  H  N N 210 
LYS HE2  H  N N 211 
LYS HE3  H  N N 212 
LYS HZ1  H  N N 213 
LYS HZ2  H  N N 214 
LYS HZ3  H  N N 215 
LYS HXT  H  N N 216 
MET N    N  N N 217 
MET CA   C  N S 218 
MET C    C  N N 219 
MET O    O  N N 220 
MET CB   C  N N 221 
MET CG   C  N N 222 
MET SD   S  N N 223 
MET CE   C  N N 224 
MET OXT  O  N N 225 
MET H    H  N N 226 
MET H2   H  N N 227 
MET HA   H  N N 228 
MET HB2  H  N N 229 
MET HB3  H  N N 230 
MET HG2  H  N N 231 
MET HG3  H  N N 232 
MET HE1  H  N N 233 
MET HE2  H  N N 234 
MET HE3  H  N N 235 
MET HXT  H  N N 236 
PHE N    N  N N 237 
PHE CA   C  N S 238 
PHE C    C  N N 239 
PHE O    O  N N 240 
PHE CB   C  N N 241 
PHE CG   C  Y N 242 
PHE CD1  C  Y N 243 
PHE CD2  C  Y N 244 
PHE CE1  C  Y N 245 
PHE CE2  C  Y N 246 
PHE CZ   C  Y N 247 
PHE OXT  O  N N 248 
PHE H    H  N N 249 
PHE H2   H  N N 250 
PHE HA   H  N N 251 
PHE HB2  H  N N 252 
PHE HB3  H  N N 253 
PHE HD1  H  N N 254 
PHE HD2  H  N N 255 
PHE HE1  H  N N 256 
PHE HE2  H  N N 257 
PHE HZ   H  N N 258 
PHE HXT  H  N N 259 
PRO N    N  N N 260 
PRO CA   C  N S 261 
PRO C    C  N N 262 
PRO O    O  N N 263 
PRO CB   C  N N 264 
PRO CG   C  N N 265 
PRO CD   C  N N 266 
PRO OXT  O  N N 267 
PRO H    H  N N 268 
PRO HA   H  N N 269 
PRO HB2  H  N N 270 
PRO HB3  H  N N 271 
PRO HG2  H  N N 272 
PRO HG3  H  N N 273 
PRO HD2  H  N N 274 
PRO HD3  H  N N 275 
PRO HXT  H  N N 276 
SER N    N  N N 277 
SER CA   C  N S 278 
SER C    C  N N 279 
SER O    O  N N 280 
SER CB   C  N N 281 
SER OG   O  N N 282 
SER OXT  O  N N 283 
SER H    H  N N 284 
SER H2   H  N N 285 
SER HA   H  N N 286 
SER HB2  H  N N 287 
SER HB3  H  N N 288 
SER HG   H  N N 289 
SER HXT  H  N N 290 
THR N    N  N N 291 
THR CA   C  N S 292 
THR C    C  N N 293 
THR O    O  N N 294 
THR CB   C  N R 295 
THR OG1  O  N N 296 
THR CG2  C  N N 297 
THR OXT  O  N N 298 
THR H    H  N N 299 
THR H2   H  N N 300 
THR HA   H  N N 301 
THR HB   H  N N 302 
THR HG1  H  N N 303 
THR HG21 H  N N 304 
THR HG22 H  N N 305 
THR HG23 H  N N 306 
THR HXT  H  N N 307 
TYR N    N  N N 308 
TYR CA   C  N S 309 
TYR C    C  N N 310 
TYR O    O  N N 311 
TYR CB   C  N N 312 
TYR CG   C  Y N 313 
TYR CD1  C  Y N 314 
TYR CD2  C  Y N 315 
TYR CE1  C  Y N 316 
TYR CE2  C  Y N 317 
TYR CZ   C  Y N 318 
TYR OH   O  N N 319 
TYR OXT  O  N N 320 
TYR H    H  N N 321 
TYR H2   H  N N 322 
TYR HA   H  N N 323 
TYR HB2  H  N N 324 
TYR HB3  H  N N 325 
TYR HD1  H  N N 326 
TYR HD2  H  N N 327 
TYR HE1  H  N N 328 
TYR HE2  H  N N 329 
TYR HH   H  N N 330 
TYR HXT  H  N N 331 
VAL N    N  N N 332 
VAL CA   C  N S 333 
VAL C    C  N N 334 
VAL O    O  N N 335 
VAL CB   C  N N 336 
VAL CG1  C  N N 337 
VAL CG2  C  N N 338 
VAL OXT  O  N N 339 
VAL H    H  N N 340 
VAL H2   H  N N 341 
VAL HA   H  N N 342 
VAL HB   H  N N 343 
VAL HG11 H  N N 344 
VAL HG12 H  N N 345 
VAL HG13 H  N N 346 
VAL HG21 H  N N 347 
VAL HG22 H  N N 348 
VAL HG23 H  N N 349 
VAL HXT  H  N N 350 
# 
loop_
_chem_comp_bond.comp_id 
_chem_comp_bond.atom_id_1 
_chem_comp_bond.atom_id_2 
_chem_comp_bond.value_order 
_chem_comp_bond.pdbx_aromatic_flag 
_chem_comp_bond.pdbx_stereo_config 
_chem_comp_bond.pdbx_ordinal 
ALA N   CA   sing N N 1   
ALA N   H    sing N N 2   
ALA N   H2   sing N N 3   
ALA CA  C    sing N N 4   
ALA CA  CB   sing N N 5   
ALA CA  HA   sing N N 6   
ALA C   O    doub N N 7   
ALA C   OXT  sing N N 8   
ALA CB  HB1  sing N N 9   
ALA CB  HB2  sing N N 10  
ALA CB  HB3  sing N N 11  
ALA OXT HXT  sing N N 12  
ARG N   CA   sing N N 13  
ARG N   H    sing N N 14  
ARG N   H2   sing N N 15  
ARG CA  C    sing N N 16  
ARG CA  CB   sing N N 17  
ARG CA  HA   sing N N 18  
ARG C   O    doub N N 19  
ARG C   OXT  sing N N 20  
ARG CB  CG   sing N N 21  
ARG CB  HB2  sing N N 22  
ARG CB  HB3  sing N N 23  
ARG CG  CD   sing N N 24  
ARG CG  HG2  sing N N 25  
ARG CG  HG3  sing N N 26  
ARG CD  NE   sing N N 27  
ARG CD  HD2  sing N N 28  
ARG CD  HD3  sing N N 29  
ARG NE  CZ   sing N N 30  
ARG NE  HE   sing N N 31  
ARG CZ  NH1  sing N N 32  
ARG CZ  NH2  doub N N 33  
ARG NH1 HH11 sing N N 34  
ARG NH1 HH12 sing N N 35  
ARG NH2 HH21 sing N N 36  
ARG NH2 HH22 sing N N 37  
ARG OXT HXT  sing N N 38  
ASN N   CA   sing N N 39  
ASN N   H    sing N N 40  
ASN N   H2   sing N N 41  
ASN CA  C    sing N N 42  
ASN CA  CB   sing N N 43  
ASN CA  HA   sing N N 44  
ASN C   O    doub N N 45  
ASN C   OXT  sing N N 46  
ASN CB  CG   sing N N 47  
ASN CB  HB2  sing N N 48  
ASN CB  HB3  sing N N 49  
ASN CG  OD1  doub N N 50  
ASN CG  ND2  sing N N 51  
ASN ND2 HD21 sing N N 52  
ASN ND2 HD22 sing N N 53  
ASN OXT HXT  sing N N 54  
ASP N   CA   sing N N 55  
ASP N   H    sing N N 56  
ASP N   H2   sing N N 57  
ASP CA  C    sing N N 58  
ASP CA  CB   sing N N 59  
ASP CA  HA   sing N N 60  
ASP C   O    doub N N 61  
ASP C   OXT  sing N N 62  
ASP CB  CG   sing N N 63  
ASP CB  HB2  sing N N 64  
ASP CB  HB3  sing N N 65  
ASP CG  OD1  doub N N 66  
ASP CG  OD2  sing N N 67  
ASP OD2 HD2  sing N N 68  
ASP OXT HXT  sing N N 69  
GLN N   CA   sing N N 70  
GLN N   H    sing N N 71  
GLN N   H2   sing N N 72  
GLN CA  C    sing N N 73  
GLN CA  CB   sing N N 74  
GLN CA  HA   sing N N 75  
GLN C   O    doub N N 76  
GLN C   OXT  sing N N 77  
GLN CB  CG   sing N N 78  
GLN CB  HB2  sing N N 79  
GLN CB  HB3  sing N N 80  
GLN CG  CD   sing N N 81  
GLN CG  HG2  sing N N 82  
GLN CG  HG3  sing N N 83  
GLN CD  OE1  doub N N 84  
GLN CD  NE2  sing N N 85  
GLN NE2 HE21 sing N N 86  
GLN NE2 HE22 sing N N 87  
GLN OXT HXT  sing N N 88  
GLU N   CA   sing N N 89  
GLU N   H    sing N N 90  
GLU N   H2   sing N N 91  
GLU CA  C    sing N N 92  
GLU CA  CB   sing N N 93  
GLU CA  HA   sing N N 94  
GLU C   O    doub N N 95  
GLU C   OXT  sing N N 96  
GLU CB  CG   sing N N 97  
GLU CB  HB2  sing N N 98  
GLU CB  HB3  sing N N 99  
GLU CG  CD   sing N N 100 
GLU CG  HG2  sing N N 101 
GLU CG  HG3  sing N N 102 
GLU CD  OE1  doub N N 103 
GLU CD  OE2  sing N N 104 
GLU OE2 HE2  sing N N 105 
GLU OXT HXT  sing N N 106 
GLY N   CA   sing N N 107 
GLY N   H    sing N N 108 
GLY N   H2   sing N N 109 
GLY CA  C    sing N N 110 
GLY CA  HA2  sing N N 111 
GLY CA  HA3  sing N N 112 
GLY C   O    doub N N 113 
GLY C   OXT  sing N N 114 
GLY OXT HXT  sing N N 115 
HIS N   CA   sing N N 116 
HIS N   H    sing N N 117 
HIS N   H2   sing N N 118 
HIS CA  C    sing N N 119 
HIS CA  CB   sing N N 120 
HIS CA  HA   sing N N 121 
HIS C   O    doub N N 122 
HIS C   OXT  sing N N 123 
HIS CB  CG   sing N N 124 
HIS CB  HB2  sing N N 125 
HIS CB  HB3  sing N N 126 
HIS CG  ND1  sing Y N 127 
HIS CG  CD2  doub Y N 128 
HIS ND1 CE1  doub Y N 129 
HIS ND1 HD1  sing N N 130 
HIS CD2 NE2  sing Y N 131 
HIS CD2 HD2  sing N N 132 
HIS CE1 NE2  sing Y N 133 
HIS CE1 HE1  sing N N 134 
HIS NE2 HE2  sing N N 135 
HIS OXT HXT  sing N N 136 
HOH O   H1   sing N N 137 
HOH O   H2   sing N N 138 
ILE N   CA   sing N N 139 
ILE N   H    sing N N 140 
ILE N   H2   sing N N 141 
ILE CA  C    sing N N 142 
ILE CA  CB   sing N N 143 
ILE CA  HA   sing N N 144 
ILE C   O    doub N N 145 
ILE C   OXT  sing N N 146 
ILE CB  CG1  sing N N 147 
ILE CB  CG2  sing N N 148 
ILE CB  HB   sing N N 149 
ILE CG1 CD1  sing N N 150 
ILE CG1 HG12 sing N N 151 
ILE CG1 HG13 sing N N 152 
ILE CG2 HG21 sing N N 153 
ILE CG2 HG22 sing N N 154 
ILE CG2 HG23 sing N N 155 
ILE CD1 HD11 sing N N 156 
ILE CD1 HD12 sing N N 157 
ILE CD1 HD13 sing N N 158 
ILE OXT HXT  sing N N 159 
LEU N   CA   sing N N 160 
LEU N   H    sing N N 161 
LEU N   H2   sing N N 162 
LEU CA  C    sing N N 163 
LEU CA  CB   sing N N 164 
LEU CA  HA   sing N N 165 
LEU C   O    doub N N 166 
LEU C   OXT  sing N N 167 
LEU CB  CG   sing N N 168 
LEU CB  HB2  sing N N 169 
LEU CB  HB3  sing N N 170 
LEU CG  CD1  sing N N 171 
LEU CG  CD2  sing N N 172 
LEU CG  HG   sing N N 173 
LEU CD1 HD11 sing N N 174 
LEU CD1 HD12 sing N N 175 
LEU CD1 HD13 sing N N 176 
LEU CD2 HD21 sing N N 177 
LEU CD2 HD22 sing N N 178 
LEU CD2 HD23 sing N N 179 
LEU OXT HXT  sing N N 180 
LYS N   CA   sing N N 181 
LYS N   H    sing N N 182 
LYS N   H2   sing N N 183 
LYS CA  C    sing N N 184 
LYS CA  CB   sing N N 185 
LYS CA  HA   sing N N 186 
LYS C   O    doub N N 187 
LYS C   OXT  sing N N 188 
LYS CB  CG   sing N N 189 
LYS CB  HB2  sing N N 190 
LYS CB  HB3  sing N N 191 
LYS CG  CD   sing N N 192 
LYS CG  HG2  sing N N 193 
LYS CG  HG3  sing N N 194 
LYS CD  CE   sing N N 195 
LYS CD  HD2  sing N N 196 
LYS CD  HD3  sing N N 197 
LYS CE  NZ   sing N N 198 
LYS CE  HE2  sing N N 199 
LYS CE  HE3  sing N N 200 
LYS NZ  HZ1  sing N N 201 
LYS NZ  HZ2  sing N N 202 
LYS NZ  HZ3  sing N N 203 
LYS OXT HXT  sing N N 204 
MET N   CA   sing N N 205 
MET N   H    sing N N 206 
MET N   H2   sing N N 207 
MET CA  C    sing N N 208 
MET CA  CB   sing N N 209 
MET CA  HA   sing N N 210 
MET C   O    doub N N 211 
MET C   OXT  sing N N 212 
MET CB  CG   sing N N 213 
MET CB  HB2  sing N N 214 
MET CB  HB3  sing N N 215 
MET CG  SD   sing N N 216 
MET CG  HG2  sing N N 217 
MET CG  HG3  sing N N 218 
MET SD  CE   sing N N 219 
MET CE  HE1  sing N N 220 
MET CE  HE2  sing N N 221 
MET CE  HE3  sing N N 222 
MET OXT HXT  sing N N 223 
PHE N   CA   sing N N 224 
PHE N   H    sing N N 225 
PHE N   H2   sing N N 226 
PHE CA  C    sing N N 227 
PHE CA  CB   sing N N 228 
PHE CA  HA   sing N N 229 
PHE C   O    doub N N 230 
PHE C   OXT  sing N N 231 
PHE CB  CG   sing N N 232 
PHE CB  HB2  sing N N 233 
PHE CB  HB3  sing N N 234 
PHE CG  CD1  doub Y N 235 
PHE CG  CD2  sing Y N 236 
PHE CD1 CE1  sing Y N 237 
PHE CD1 HD1  sing N N 238 
PHE CD2 CE2  doub Y N 239 
PHE CD2 HD2  sing N N 240 
PHE CE1 CZ   doub Y N 241 
PHE CE1 HE1  sing N N 242 
PHE CE2 CZ   sing Y N 243 
PHE CE2 HE2  sing N N 244 
PHE CZ  HZ   sing N N 245 
PHE OXT HXT  sing N N 246 
PRO N   CA   sing N N 247 
PRO N   CD   sing N N 248 
PRO N   H    sing N N 249 
PRO CA  C    sing N N 250 
PRO CA  CB   sing N N 251 
PRO CA  HA   sing N N 252 
PRO C   O    doub N N 253 
PRO C   OXT  sing N N 254 
PRO CB  CG   sing N N 255 
PRO CB  HB2  sing N N 256 
PRO CB  HB3  sing N N 257 
PRO CG  CD   sing N N 258 
PRO CG  HG2  sing N N 259 
PRO CG  HG3  sing N N 260 
PRO CD  HD2  sing N N 261 
PRO CD  HD3  sing N N 262 
PRO OXT HXT  sing N N 263 
SER N   CA   sing N N 264 
SER N   H    sing N N 265 
SER N   H2   sing N N 266 
SER CA  C    sing N N 267 
SER CA  CB   sing N N 268 
SER CA  HA   sing N N 269 
SER C   O    doub N N 270 
SER C   OXT  sing N N 271 
SER CB  OG   sing N N 272 
SER CB  HB2  sing N N 273 
SER CB  HB3  sing N N 274 
SER OG  HG   sing N N 275 
SER OXT HXT  sing N N 276 
THR N   CA   sing N N 277 
THR N   H    sing N N 278 
THR N   H2   sing N N 279 
THR CA  C    sing N N 280 
THR CA  CB   sing N N 281 
THR CA  HA   sing N N 282 
THR C   O    doub N N 283 
THR C   OXT  sing N N 284 
THR CB  OG1  sing N N 285 
THR CB  CG2  sing N N 286 
THR CB  HB   sing N N 287 
THR OG1 HG1  sing N N 288 
THR CG2 HG21 sing N N 289 
THR CG2 HG22 sing N N 290 
THR CG2 HG23 sing N N 291 
THR OXT HXT  sing N N 292 
TYR N   CA   sing N N 293 
TYR N   H    sing N N 294 
TYR N   H2   sing N N 295 
TYR CA  C    sing N N 296 
TYR CA  CB   sing N N 297 
TYR CA  HA   sing N N 298 
TYR C   O    doub N N 299 
TYR C   OXT  sing N N 300 
TYR CB  CG   sing N N 301 
TYR CB  HB2  sing N N 302 
TYR CB  HB3  sing N N 303 
TYR CG  CD1  doub Y N 304 
TYR CG  CD2  sing Y N 305 
TYR CD1 CE1  sing Y N 306 
TYR CD1 HD1  sing N N 307 
TYR CD2 CE2  doub Y N 308 
TYR CD2 HD2  sing N N 309 
TYR CE1 CZ   doub Y N 310 
TYR CE1 HE1  sing N N 311 
TYR CE2 CZ   sing Y N 312 
TYR CE2 HE2  sing N N 313 
TYR CZ  OH   sing N N 314 
TYR OH  HH   sing N N 315 
TYR OXT HXT  sing N N 316 
VAL N   CA   sing N N 317 
VAL N   H    sing N N 318 
VAL N   H2   sing N N 319 
VAL CA  C    sing N N 320 
VAL CA  CB   sing N N 321 
VAL CA  HA   sing N N 322 
VAL C   O    doub N N 323 
VAL C   OXT  sing N N 324 
VAL CB  CG1  sing N N 325 
VAL CB  CG2  sing N N 326 
VAL CB  HB   sing N N 327 
VAL CG1 HG11 sing N N 328 
VAL CG1 HG12 sing N N 329 
VAL CG1 HG13 sing N N 330 
VAL CG2 HG21 sing N N 331 
VAL CG2 HG22 sing N N 332 
VAL CG2 HG23 sing N N 333 
VAL OXT HXT  sing N N 334 
# 
_atom_sites.entry_id                    2XVC 
_atom_sites.fract_transf_matrix[1][1]   0.01636771 
_atom_sites.fract_transf_matrix[1][2]   -0.00385593 
_atom_sites.fract_transf_matrix[1][3]   -0.00552269 
_atom_sites.fract_transf_matrix[2][1]   0.00565988 
_atom_sites.fract_transf_matrix[2][2]   0.00589078 
_atom_sites.fract_transf_matrix[2][3]   -0.01570093 
_atom_sites.fract_transf_matrix[3][1]   0.00562516 
_atom_sites.fract_transf_matrix[3][2]   0.01364249 
_atom_sites.fract_transf_matrix[3][3]   0.00714625 
_atom_sites.fract_transf_vector[1]      0.501195 
_atom_sites.fract_transf_vector[2]      0.304639 
_atom_sites.fract_transf_vector[3]      0.039469 
# 
loop_
_atom_type.symbol 
C  
CD 
N  
O  
S  
# 
loop_
_atom_site.group_PDB 
_atom_site.id 
_atom_site.type_symbol 
_atom_site.label_atom_id 
_atom_site.label_alt_id 
_atom_site.label_comp_id 
_atom_site.label_asym_id 
_atom_site.label_entity_id 
_atom_site.label_seq_id 
_atom_site.pdbx_PDB_ins_code 
_atom_site.Cartn_x 
_atom_site.Cartn_y 
_atom_site.Cartn_z 
_atom_site.occupancy 
_atom_site.B_iso_or_equiv 
_atom_site.pdbx_formal_charge 
_atom_site.auth_seq_id 
_atom_site.auth_comp_id 
_atom_site.auth_asym_id 
_atom_site.auth_atom_id 
_atom_site.pdbx_PDB_model_num 
ATOM   1   N  N   . HIS A 1 4  ? -7.973  -17.581 -4.143  1.00 52.47 ? 204  HIS A N   1 
ATOM   2   C  CA  . HIS A 1 4  ? -6.904  -17.090 -3.219  1.00 52.38 ? 204  HIS A CA  1 
ATOM   3   C  C   . HIS A 1 4  ? -7.427  -16.785 -1.794  1.00 51.69 ? 204  HIS A C   1 
ATOM   4   O  O   . HIS A 1 4  ? -8.554  -17.163 -1.445  1.00 51.96 ? 204  HIS A O   1 
ATOM   5   C  CB  . HIS A 1 4  ? -6.156  -15.884 -3.843  1.00 52.99 ? 204  HIS A CB  1 
ATOM   6   C  CG  . HIS A 1 4  ? -7.038  -14.709 -4.160  1.00 54.53 ? 204  HIS A CG  1 
ATOM   7   N  ND1 . HIS A 1 4  ? -7.592  -14.505 -5.408  1.00 56.21 ? 204  HIS A ND1 1 
ATOM   8   C  CD2 . HIS A 1 4  ? -7.454  -13.672 -3.392  1.00 55.51 ? 204  HIS A CD2 1 
ATOM   9   C  CE1 . HIS A 1 4  ? -8.313  -13.396 -5.392  1.00 56.17 ? 204  HIS A CE1 1 
ATOM   10  N  NE2 . HIS A 1 4  ? -8.247  -12.871 -4.181  1.00 56.11 ? 204  HIS A NE2 1 
ATOM   11  N  N   . HIS A 1 5  ? -6.597  -16.120 -0.986  1.00 50.30 ? 205  HIS A N   1 
ATOM   12  C  CA  . HIS A 1 5  ? -6.884  -15.808 0.422   1.00 48.89 ? 205  HIS A CA  1 
ATOM   13  C  C   . HIS A 1 5  ? -7.670  -14.508 0.578   1.00 48.69 ? 205  HIS A C   1 
ATOM   14  O  O   . HIS A 1 5  ? -7.604  -13.634 -0.285  1.00 48.01 ? 205  HIS A O   1 
ATOM   15  C  CB  . HIS A 1 5  ? -5.572  -15.680 1.201   1.00 48.41 ? 205  HIS A CB  1 
ATOM   16  C  CG  . HIS A 1 5  ? -4.779  -16.948 1.257   1.00 47.41 ? 205  HIS A CG  1 
ATOM   17  N  ND1 . HIS A 1 5  ? -4.762  -17.764 2.367   1.00 46.39 ? 205  HIS A ND1 1 
ATOM   18  C  CD2 . HIS A 1 5  ? -3.987  -17.546 0.337   1.00 45.78 ? 205  HIS A CD2 1 
ATOM   19  C  CE1 . HIS A 1 5  ? -3.991  -18.810 2.130   1.00 45.79 ? 205  HIS A CE1 1 
ATOM   20  N  NE2 . HIS A 1 5  ? -3.509  -18.703 0.905   1.00 45.60 ? 205  HIS A NE2 1 
ATOM   21  N  N   . HIS A 1 6  ? -8.388  -14.380 1.694   1.00 48.51 ? 206  HIS A N   1 
ATOM   22  C  CA  . HIS A 1 6  ? -9.229  -13.208 1.950   1.00 48.74 ? 206  HIS A CA  1 
ATOM   23  C  C   . HIS A 1 6  ? -9.156  -12.748 3.400   1.00 48.77 ? 206  HIS A C   1 
ATOM   24  O  O   . HIS A 1 6  ? -8.830  -13.530 4.292   1.00 48.64 ? 206  HIS A O   1 
ATOM   25  C  CB  . HIS A 1 6  ? -10.688 -13.481 1.545   1.00 48.74 ? 206  HIS A CB  1 
ATOM   26  C  CG  . HIS A 1 6  ? -10.841 -13.942 0.127   1.00 49.42 ? 206  HIS A CG  1 
ATOM   27  N  ND1 . HIS A 1 6  ? -10.970 -13.071 -0.932  1.00 49.75 ? 206  HIS A ND1 1 
ATOM   28  C  CD2 . HIS A 1 6  ? -10.858 -15.186 -0.407  1.00 50.21 ? 206  HIS A CD2 1 
ATOM   29  C  CE1 . HIS A 1 6  ? -11.073 -13.756 -2.057  1.00 50.20 ? 206  HIS A CE1 1 
ATOM   30  N  NE2 . HIS A 1 6  ? -11.004 -15.042 -1.767  1.00 50.28 ? 206  HIS A NE2 1 
ATOM   31  N  N   . HIS A 1 7  ? -9.446  -11.463 3.613   1.00 49.03 ? 207  HIS A N   1 
ATOM   32  C  CA  . HIS A 1 7  ? -9.551  -10.845 4.945   1.00 49.40 ? 207  HIS A CA  1 
ATOM   33  C  C   . HIS A 1 7  ? -8.307  -10.923 5.833   1.00 49.11 ? 207  HIS A C   1 
ATOM   34  O  O   . HIS A 1 7  ? -8.415  -10.886 7.061   1.00 49.19 ? 207  HIS A O   1 
ATOM   35  C  CB  . HIS A 1 7  ? -10.793 -11.354 5.697   1.00 49.87 ? 207  HIS A CB  1 
ATOM   36  C  CG  . HIS A 1 7  ? -12.076 -11.087 4.975   1.00 51.74 ? 207  HIS A CG  1 
ATOM   37  N  ND1 . HIS A 1 7  ? -12.805 -12.081 4.360   1.00 53.82 ? 207  HIS A ND1 1 
ATOM   38  C  CD2 . HIS A 1 7  ? -12.743 -9.930  4.743   1.00 53.56 ? 207  HIS A CD2 1 
ATOM   39  C  CE1 . HIS A 1 7  ? -13.875 -11.553 3.791   1.00 54.87 ? 207  HIS A CE1 1 
ATOM   40  N  NE2 . HIS A 1 7  ? -13.861 -10.249 4.008   1.00 54.96 ? 207  HIS A NE2 1 
ATOM   41  N  N   . HIS A 1 8  ? -7.132  -11.013 5.218   1.00 48.61 ? 208  HIS A N   1 
ATOM   42  C  CA  . HIS A 1 8  ? -5.887  -10.915 5.970   1.00 48.25 ? 208  HIS A CA  1 
ATOM   43  C  C   . HIS A 1 8  ? -5.650  -9.465  6.368   1.00 48.43 ? 208  HIS A C   1 
ATOM   44  O  O   . HIS A 1 8  ? -6.019  -8.544  5.639   1.00 48.18 ? 208  HIS A O   1 
ATOM   45  C  CB  . HIS A 1 8  ? -4.708  -11.450 5.157   1.00 47.80 ? 208  HIS A CB  1 
ATOM   46  C  CG  . HIS A 1 8  ? -4.590  -12.938 5.181   1.00 47.23 ? 208  HIS A CG  1 
ATOM   47  N  ND1 . HIS A 1 8  ? -3.574  -13.589 5.843   1.00 46.81 ? 208  HIS A ND1 1 
ATOM   48  C  CD2 . HIS A 1 8  ? -5.370  -13.907 4.642   1.00 46.17 ? 208  HIS A CD2 1 
ATOM   49  C  CE1 . HIS A 1 8  ? -3.724  -14.894 5.703   1.00 46.94 ? 208  HIS A CE1 1 
ATOM   50  N  NE2 . HIS A 1 8  ? -4.804  -15.114 4.975   1.00 47.38 ? 208  HIS A NE2 1 
ATOM   51  N  N   . MET A 1 9  ? -5.048  -9.272  7.533   1.00 48.80 ? 209  MET A N   1 
ATOM   52  C  CA  . MET A 1 9  ? -4.792  -7.933  8.041   1.00 49.63 ? 209  MET A CA  1 
ATOM   53  C  C   . MET A 1 9  ? -3.299  -7.695  8.143   1.00 49.20 ? 209  MET A C   1 
ATOM   54  O  O   . MET A 1 9  ? -2.544  -8.585  8.546   1.00 49.10 ? 209  MET A O   1 
ATOM   55  C  CB  . MET A 1 9  ? -5.450  -7.731  9.414   1.00 50.09 ? 209  MET A CB  1 
ATOM   56  C  CG  . MET A 1 9  ? -6.975  -7.821  9.399   1.00 53.07 ? 209  MET A CG  1 
ATOM   57  S  SD  . MET A 1 9  ? -7.775  -6.552  8.378   1.00 60.53 ? 209  MET A SD  1 
ATOM   58  C  CE  . MET A 1 9  ? -7.520  -5.080  9.391   1.00 59.21 ? 209  MET A CE  1 
ATOM   59  N  N   . ILE A 1 10 ? -2.879  -6.494  7.757   1.00 48.81 ? 210  ILE A N   1 
ATOM   60  C  CA  . ILE A 1 10 ? -1.497  -6.068  7.937   1.00 48.30 ? 210  ILE A CA  1 
ATOM   61  C  C   . ILE A 1 10 ? -1.457  -4.666  8.547   1.00 48.32 ? 210  ILE A C   1 
ATOM   62  O  O   . ILE A 1 10 ? -2.460  -3.953  8.542   1.00 48.06 ? 210  ILE A O   1 
ATOM   63  C  CB  . ILE A 1 10 ? -0.682  -6.125  6.614   1.00 48.30 ? 210  ILE A CB  1 
ATOM   64  C  CG1 . ILE A 1 10 ? -1.350  -5.286  5.518   1.00 47.92 ? 210  ILE A CG1 1 
ATOM   65  C  CG2 . ILE A 1 10 ? -0.454  -7.587  6.168   1.00 47.72 ? 210  ILE A CG2 1 
ATOM   66  C  CD1 . ILE A 1 10 ? -0.437  -4.994  4.339   1.00 47.86 ? 210  ILE A CD1 1 
ATOM   67  N  N   . THR A 1 11 ? -0.299  -4.286  9.079   1.00 48.31 ? 211  THR A N   1 
ATOM   68  C  CA  . THR A 1 11 ? -0.110  -2.957  9.661   1.00 48.39 ? 211  THR A CA  1 
ATOM   69  C  C   . THR A 1 11 ? 0.377   -1.965  8.601   1.00 48.32 ? 211  THR A C   1 
ATOM   70  O  O   . THR A 1 11 ? 0.890   -2.365  7.548   1.00 48.04 ? 211  THR A O   1 
ATOM   71  C  CB  . THR A 1 11 ? 0.925   -2.988  10.798  1.00 48.41 ? 211  THR A CB  1 
ATOM   72  O  OG1 . THR A 1 11 ? 2.199   -3.363  10.262  1.00 48.96 ? 211  THR A OG1 1 
ATOM   73  C  CG2 . THR A 1 11 ? 0.513   -3.986  11.897  1.00 48.62 ? 211  THR A CG2 1 
ATOM   74  N  N   . GLU A 1 12 ? 0.230   -0.675  8.896   1.00 48.23 ? 212  GLU A N   1 
ATOM   75  C  CA  . GLU A 1 12 ? 0.740   0.387   8.034   1.00 48.30 ? 212  GLU A CA  1 
ATOM   76  C  C   . GLU A 1 12 ? 2.238   0.243   7.794   1.00 48.03 ? 212  GLU A C   1 
ATOM   77  O  O   . GLU A 1 12 ? 2.718   0.469   6.679   1.00 47.64 ? 212  GLU A O   1 
ATOM   78  C  CB  . GLU A 1 12 ? 0.445   1.756   8.644   1.00 48.73 ? 212  GLU A CB  1 
ATOM   79  C  CG  . GLU A 1 12 ? -1.035  2.073   8.753   1.00 50.36 ? 212  GLU A CG  1 
ATOM   80  C  CD  . GLU A 1 12 ? -1.313  3.373   9.490   1.00 52.86 ? 212  GLU A CD  1 
ATOM   81  O  OE1 . GLU A 1 12 ? -0.409  4.238   9.551   1.00 53.94 ? 212  GLU A OE1 1 
ATOM   82  O  OE2 . GLU A 1 12 ? -2.448  3.530   10.002  1.00 53.94 ? 212  GLU A OE2 1 
ATOM   83  N  N   . ARG A 1 13 ? 2.960   -0.140  8.849   1.00 47.72 ? 213  ARG A N   1 
ATOM   84  C  CA  . ARG A 1 13 ? 4.408   -0.333  8.810   1.00 47.66 ? 213  ARG A CA  1 
ATOM   85  C  C   . ARG A 1 13 ? 4.789   -1.454  7.846   1.00 46.52 ? 213  ARG A C   1 
ATOM   86  O  O   . ARG A 1 13 ? 5.738   -1.314  7.070   1.00 46.16 ? 213  ARG A O   1 
ATOM   87  C  CB  . ARG A 1 13 ? 4.949   -0.628  10.222  1.00 48.18 ? 213  ARG A CB  1 
ATOM   88  C  CG  . ARG A 1 13 ? 6.475   -0.665  10.326  1.00 51.15 ? 213  ARG A CG  1 
ATOM   89  C  CD  . ARG A 1 13 ? 7.060   0.744   10.306  1.00 56.73 ? 213  ARG A CD  1 
ATOM   90  N  NE  . ARG A 1 13 ? 8.331   0.801   9.583   1.00 60.64 ? 213  ARG A NE  1 
ATOM   91  C  CZ  . ARG A 1 13 ? 8.908   1.925   9.159   1.00 62.93 ? 213  ARG A CZ  1 
ATOM   92  N  NH1 . ARG A 1 13 ? 8.337   3.105   9.379   1.00 63.80 ? 213  ARG A NH1 1 
ATOM   93  N  NH2 . ARG A 1 13 ? 10.065  1.872   8.506   1.00 64.06 ? 213  ARG A NH2 1 
ATOM   94  N  N   . GLU A 1 14 ? 4.045   -2.558  7.903   1.00 45.50 ? 214  GLU A N   1 
ATOM   95  C  CA  . GLU A 1 14 ? 4.239   -3.676  6.982   1.00 44.66 ? 214  GLU A CA  1 
ATOM   96  C  C   . GLU A 1 14 ? 4.029   -3.252  5.530   1.00 43.42 ? 214  GLU A C   1 
ATOM   97  O  O   . GLU A 1 14 ? 4.843   -3.574  4.662   1.00 42.90 ? 214  GLU A O   1 
ATOM   98  C  CB  . GLU A 1 14 ? 3.320   -4.846  7.338   1.00 45.06 ? 214  GLU A CB  1 
ATOM   99  C  CG  . GLU A 1 14 ? 3.836   -5.688  8.498   1.00 47.53 ? 214  GLU A CG  1 
ATOM   100 C  CD  . GLU A 1 14 ? 2.825   -6.709  8.988   1.00 50.21 ? 214  GLU A CD  1 
ATOM   101 O  OE1 . GLU A 1 14 ? 1.645   -6.345  9.207   1.00 51.01 ? 214  GLU A OE1 1 
ATOM   102 O  OE2 . GLU A 1 14 ? 3.216   -7.882  9.156   1.00 52.87 ? 214  GLU A OE2 1 
ATOM   103 N  N   . LEU A 1 15 ? 2.954   -2.512  5.271   1.00 42.16 ? 215  LEU A N   1 
ATOM   104 C  CA  . LEU A 1 15 ? 2.697   -2.041  3.912   1.00 41.25 ? 215  LEU A CA  1 
ATOM   105 C  C   . LEU A 1 15 ? 3.806   -1.106  3.426   1.00 41.00 ? 215  LEU A C   1 
ATOM   106 O  O   . LEU A 1 15 ? 4.286   -1.248  2.298   1.00 40.74 ? 215  LEU A O   1 
ATOM   107 C  CB  . LEU A 1 15 ? 1.319   -1.386  3.783   1.00 40.72 ? 215  LEU A CB  1 
ATOM   108 C  CG  . LEU A 1 15 ? 0.951   -0.958  2.353   1.00 40.19 ? 215  LEU A CG  1 
ATOM   109 C  CD1 . LEU A 1 15 ? 0.971   -2.146  1.404   1.00 38.00 ? 215  LEU A CD1 1 
ATOM   110 C  CD2 . LEU A 1 15 ? -0.395  -0.261  2.316   1.00 39.10 ? 215  LEU A CD2 1 
ATOM   111 N  N   . LEU A 1 16 ? 4.227   -0.176  4.288   1.00 40.85 ? 216  LEU A N   1 
ATOM   112 C  CA  . LEU A 1 16 ? 5.278   0.779   3.938   1.00 40.84 ? 216  LEU A CA  1 
ATOM   113 C  C   . LEU A 1 16 ? 6.597   0.068   3.672   1.00 40.69 ? 216  LEU A C   1 
ATOM   114 O  O   . LEU A 1 16 ? 7.287   0.385   2.711   1.00 40.63 ? 216  LEU A O   1 
ATOM   115 C  CB  . LEU A 1 16 ? 5.451   1.843   5.033   1.00 40.78 ? 216  LEU A CB  1 
ATOM   116 C  CG  . LEU A 1 16 ? 6.493   2.942   4.785   1.00 41.41 ? 216  LEU A CG  1 
ATOM   117 C  CD1 . LEU A 1 16 ? 6.143   3.768   3.559   1.00 41.01 ? 216  LEU A CD1 1 
ATOM   118 C  CD2 . LEU A 1 16 ? 6.633   3.844   6.004   1.00 41.40 ? 216  LEU A CD2 1 
ATOM   119 N  N   . ASP A 1 17 ? 6.940   -0.896  4.522   1.00 40.80 ? 217  ASP A N   1 
ATOM   120 C  CA  . ASP A 1 17 ? 8.139   -1.709  4.307   1.00 41.15 ? 217  ASP A CA  1 
ATOM   121 C  C   . ASP A 1 17 ? 8.054   -2.463  2.978   1.00 40.42 ? 217  ASP A C   1 
ATOM   122 O  O   . ASP A 1 17 ? 9.027   -2.518  2.232   1.00 40.32 ? 217  ASP A O   1 
ATOM   123 C  CB  . ASP A 1 17 ? 8.361   -2.694  5.463   1.00 41.65 ? 217  ASP A CB  1 
ATOM   124 C  CG  . ASP A 1 17 ? 8.914   -2.027  6.722   1.00 44.29 ? 217  ASP A CG  1 
ATOM   125 O  OD1 . ASP A 1 17 ? 9.384   -0.869  6.659   1.00 46.46 ? 217  ASP A OD1 1 
ATOM   126 O  OD2 . ASP A 1 17 ? 8.883   -2.677  7.788   1.00 47.90 ? 217  ASP A OD2 1 
ATOM   127 N  N   . TYR A 1 18 ? 6.887   -3.034  2.686   1.00 39.98 ? 218  TYR A N   1 
ATOM   128 C  CA  . TYR A 1 18 ? 6.680   -3.735  1.415   1.00 39.68 ? 218  TYR A CA  1 
ATOM   129 C  C   . TYR A 1 18 ? 6.900   -2.804  0.219   1.00 39.54 ? 218  TYR A C   1 
ATOM   130 O  O   . TYR A 1 18 ? 7.589   -3.162  -0.731  1.00 39.28 ? 218  TYR A O   1 
ATOM   131 C  CB  . TYR A 1 18 ? 5.280   -4.359  1.343   1.00 39.43 ? 218  TYR A CB  1 
ATOM   132 C  CG  . TYR A 1 18 ? 4.987   -4.981  -0.009  1.00 38.94 ? 218  TYR A CG  1 
ATOM   133 C  CD1 . TYR A 1 18 ? 5.326   -6.306  -0.276  1.00 38.28 ? 218  TYR A CD1 1 
ATOM   134 C  CD2 . TYR A 1 18 ? 4.386   -4.235  -1.024  1.00 38.73 ? 218  TYR A CD2 1 
ATOM   135 C  CE1 . TYR A 1 18 ? 5.067   -6.878  -1.529  1.00 38.92 ? 218  TYR A CE1 1 
ATOM   136 C  CE2 . TYR A 1 18 ? 4.123   -4.794  -2.276  1.00 38.57 ? 218  TYR A CE2 1 
ATOM   137 C  CZ  . TYR A 1 18 ? 4.461   -6.116  -2.516  1.00 38.51 ? 218  TYR A CZ  1 
ATOM   138 O  OH  . TYR A 1 18 ? 4.191   -6.665  -3.742  1.00 39.25 ? 218  TYR A OH  1 
ATOM   139 N  N   . ILE A 1 19 ? 6.313   -1.611  0.291   1.00 39.70 ? 219  ILE A N   1 
ATOM   140 C  CA  . ILE A 1 19 ? 6.424   -0.610  -0.764  1.00 40.13 ? 219  ILE A CA  1 
ATOM   141 C  C   . ILE A 1 19 ? 7.882   -0.221  -1.019  1.00 40.51 ? 219  ILE A C   1 
ATOM   142 O  O   . ILE A 1 19 ? 8.335   -0.202  -2.163  1.00 40.26 ? 219  ILE A O   1 
ATOM   143 C  CB  . ILE A 1 19 ? 5.579   0.644   -0.431  1.00 40.32 ? 219  ILE A CB  1 
ATOM   144 C  CG1 . ILE A 1 19 ? 4.088   0.337   -0.587  1.00 40.22 ? 219  ILE A CG1 1 
ATOM   145 C  CG2 . ILE A 1 19 ? 5.984   1.819   -1.309  1.00 40.13 ? 219  ILE A CG2 1 
ATOM   146 C  CD1 . ILE A 1 19 ? 3.183   1.313   0.151   1.00 41.25 ? 219  ILE A CD1 1 
ATOM   147 N  N   . VAL A 1 20 ? 8.615   0.078   0.050   1.00 41.17 ? 220  VAL A N   1 
ATOM   148 C  CA  . VAL A 1 20 ? 10.033  0.429   -0.076  1.00 41.88 ? 220  VAL A CA  1 
ATOM   149 C  C   . VAL A 1 20 ? 10.811  -0.732  -0.700  1.00 42.20 ? 220  VAL A C   1 
ATOM   150 O  O   . VAL A 1 20 ? 11.534  -0.547  -1.685  1.00 42.36 ? 220  VAL A O   1 
ATOM   151 C  CB  . VAL A 1 20 ? 10.632  0.851   1.283   1.00 42.04 ? 220  VAL A CB  1 
ATOM   152 C  CG1 . VAL A 1 20 ? 12.150  0.962   1.204   1.00 42.58 ? 220  VAL A CG1 1 
ATOM   153 C  CG2 . VAL A 1 20 ? 10.014  2.170   1.747   1.00 42.19 ? 220  VAL A CG2 1 
ATOM   154 N  N   . ASN A 1 21 ? 10.625  -1.930  -0.155  1.00 42.56 ? 221  ASN A N   1 
ATOM   155 C  CA  . ASN A 1 21 ? 11.276  -3.130  -0.687  1.00 43.21 ? 221  ASN A CA  1 
ATOM   156 C  C   . ASN A 1 21 ? 10.868  -3.482  -2.123  1.00 42.82 ? 221  ASN A C   1 
ATOM   157 O  O   . ASN A 1 21 ? 11.623  -4.135  -2.842  1.00 43.03 ? 221  ASN A O   1 
ATOM   158 C  CB  . ASN A 1 21 ? 11.063  -4.321  0.259   1.00 43.81 ? 221  ASN A CB  1 
ATOM   159 C  CG  . ASN A 1 21 ? 11.794  -4.145  1.594   1.00 46.32 ? 221  ASN A CG  1 
ATOM   160 O  OD1 . ASN A 1 21 ? 12.865  -3.533  1.652   1.00 49.43 ? 221  ASN A OD1 1 
ATOM   161 N  ND2 . ASN A 1 21 ? 11.215  -4.675  2.669   1.00 48.38 ? 221  ASN A ND2 1 
ATOM   162 N  N   . ASN A 1 22 ? 9.686   -3.033  -2.542  1.00 42.14 ? 222  ASN A N   1 
ATOM   163 C  CA  . ASN A 1 22 ? 9.194   -3.284  -3.894  1.00 41.78 ? 222  ASN A CA  1 
ATOM   164 C  C   . ASN A 1 22 ? 9.589   -2.169  -4.872  1.00 41.28 ? 222  ASN A C   1 
ATOM   165 O  O   . ASN A 1 22 ? 9.055   -2.085  -5.979  1.00 41.54 ? 222  ASN A O   1 
ATOM   166 C  CB  . ASN A 1 22 ? 7.669   -3.481  -3.873  1.00 41.76 ? 222  ASN A CB  1 
ATOM   167 C  CG  . ASN A 1 22 ? 7.163   -4.348  -5.024  1.00 43.60 ? 222  ASN A CG  1 
ATOM   168 O  OD1 . ASN A 1 22 ? 7.806   -5.327  -5.408  1.00 45.57 ? 222  ASN A OD1 1 
ATOM   169 N  ND2 . ASN A 1 22 ? 5.994   -3.999  -5.567  1.00 43.02 ? 222  ASN A ND2 1 
ATOM   170 N  N   . GLY A 1 23 ? 10.529  -1.320  -4.468  1.00 40.58 ? 223  GLY A N   1 
ATOM   171 C  CA  . GLY A 1 23 ? 10.995  -0.213  -5.311  1.00 40.00 ? 223  GLY A CA  1 
ATOM   172 C  C   . GLY A 1 23 ? 10.015  0.951   -5.453  1.00 39.63 ? 223  GLY A C   1 
ATOM   173 O  O   . GLY A 1 23 ? 10.018  1.650   -6.472  1.00 39.64 ? 223  GLY A O   1 
ATOM   174 N  N   . GLY A 1 24 ? 9.185   1.167   -4.432  1.00 38.87 ? 224  GLY A N   1 
ATOM   175 C  CA  . GLY A 1 24 ? 8.177   2.237   -4.459  1.00 38.18 ? 224  GLY A CA  1 
ATOM   176 C  C   . GLY A 1 24 ? 7.038   1.964   -5.426  1.00 37.82 ? 224  GLY A C   1 
ATOM   177 O  O   . GLY A 1 24 ? 6.570   2.865   -6.122  1.00 37.47 ? 224  GLY A O   1 
ATOM   178 N  N   . PHE A 1 25 ? 6.585   0.714   -5.457  1.00 37.64 ? 225  PHE A N   1 
ATOM   179 C  CA  . PHE A 1 25 ? 5.560   0.280   -6.400  1.00 37.49 ? 225  PHE A CA  1 
ATOM   180 C  C   . PHE A 1 25 ? 4.551   -0.613  -5.699  1.00 37.10 ? 225  PHE A C   1 
ATOM   181 O  O   . PHE A 1 25 ? 4.911   -1.424  -4.832  1.00 36.85 ? 225  PHE A O   1 
ATOM   182 C  CB  . PHE A 1 25 ? 6.199   -0.454  -7.587  1.00 38.08 ? 225  PHE A CB  1 
ATOM   183 C  CG  . PHE A 1 25 ? 5.201   -0.967  -8.611  1.00 39.31 ? 225  PHE A CG  1 
ATOM   184 C  CD1 . PHE A 1 25 ? 4.702   -0.124  -9.600  1.00 40.66 ? 225  PHE A CD1 1 
ATOM   185 C  CD2 . PHE A 1 25 ? 4.779   -2.295  -8.587  1.00 40.51 ? 225  PHE A CD2 1 
ATOM   186 C  CE1 . PHE A 1 25 ? 3.785   -0.593  -10.553 1.00 40.93 ? 225  PHE A CE1 1 
ATOM   187 C  CE2 . PHE A 1 25 ? 3.862   -2.776  -9.533  1.00 41.26 ? 225  PHE A CE2 1 
ATOM   188 C  CZ  . PHE A 1 25 ? 3.364   -1.915  -10.517 1.00 40.89 ? 225  PHE A CZ  1 
ATOM   189 N  N   . LEU A 1 26 ? 3.281   -0.450  -6.061  1.00 36.30 ? 226  LEU A N   1 
ATOM   190 C  CA  . LEU A 1 26 ? 2.222   -1.253  -5.487  1.00 35.91 ? 226  LEU A CA  1 
ATOM   191 C  C   . LEU A 1 26 ? 1.112   -1.463  -6.502  1.00 36.01 ? 226  LEU A C   1 
ATOM   192 O  O   . LEU A 1 26 ? 0.513   -0.500  -6.984  1.00 35.89 ? 226  LEU A O   1 
ATOM   193 C  CB  . LEU A 1 26 ? 1.658   -0.587  -4.224  1.00 35.77 ? 226  LEU A CB  1 
ATOM   194 C  CG  . LEU A 1 26 ? 0.505   -1.306  -3.520  1.00 36.02 ? 226  LEU A CG  1 
ATOM   195 C  CD1 . LEU A 1 26 ? 0.965   -2.612  -2.875  1.00 36.99 ? 226  LEU A CD1 1 
ATOM   196 C  CD2 . LEU A 1 26 ? -0.143  -0.396  -2.488  1.00 36.06 ? 226  LEU A CD2 1 
ATOM   197 N  N   . ASP A 1 27 ? 0.854   -2.729  -6.813  1.00 35.91 ? 227  ASP A N   1 
ATOM   198 C  CA  . ASP A 1 27 ? -0.256  -3.123  -7.665  1.00 36.20 ? 227  ASP A CA  1 
ATOM   199 C  C   . ASP A 1 27 ? -1.315  -3.674  -6.724  1.00 36.20 ? 227  ASP A C   1 
ATOM   200 O  O   . ASP A 1 27 ? -1.185  -4.792  -6.227  1.00 36.29 ? 227  ASP A O   1 
ATOM   201 C  CB  . ASP A 1 27 ? 0.234   -4.169  -8.681  1.00 36.28 ? 227  ASP A CB  1 
ATOM   202 C  CG  . ASP A 1 27 ? -0.879  -4.727  -9.563  1.00 36.95 ? 227  ASP A CG  1 
ATOM   203 O  OD1 . ASP A 1 27 ? -2.066  -4.678  -9.191  1.00 36.35 ? 227  ASP A OD1 1 
ATOM   204 O  OD2 . ASP A 1 27 ? -0.544  -5.243  -10.648 1.00 40.14 ? 227  ASP A OD2 1 
ATOM   205 N  N   . ILE A 1 28 ? -2.349  -2.880  -6.454  1.00 36.33 ? 228  ILE A N   1 
ATOM   206 C  CA  . ILE A 1 28 ? -3.332  -3.248  -5.445  1.00 36.99 ? 228  ILE A CA  1 
ATOM   207 C  C   . ILE A 1 28 ? -4.004  -4.581  -5.776  1.00 37.92 ? 228  ILE A C   1 
ATOM   208 O  O   . ILE A 1 28 ? -4.187  -5.421  -4.891  1.00 37.53 ? 228  ILE A O   1 
ATOM   209 C  CB  . ILE A 1 28 ? -4.368  -2.137  -5.189  1.00 36.74 ? 228  ILE A CB  1 
ATOM   210 C  CG1 . ILE A 1 28 ? -3.669  -0.888  -4.628  1.00 36.86 ? 228  ILE A CG1 1 
ATOM   211 C  CG2 . ILE A 1 28 ? -5.436  -2.619  -4.217  1.00 36.89 ? 228  ILE A CG2 1 
ATOM   212 C  CD1 . ILE A 1 28 ? -4.613  0.213   -4.152  1.00 36.58 ? 228  ILE A CD1 1 
ATOM   213 N  N   . GLU A 1 29 ? -4.334  -4.783  -7.050  1.00 39.03 ? 229  GLU A N   1 
ATOM   214 C  CA  . GLU A 1 29 ? -4.928  -6.048  -7.499  1.00 40.48 ? 229  GLU A CA  1 
ATOM   215 C  C   . GLU A 1 29 ? -4.010  -7.233  -7.173  1.00 40.04 ? 229  GLU A C   1 
ATOM   216 O  O   . GLU A 1 29 ? -4.426  -8.175  -6.500  1.00 40.15 ? 229  GLU A O   1 
ATOM   217 C  CB  . GLU A 1 29 ? -5.242  -5.989  -9.004  1.00 41.11 ? 229  GLU A CB  1 
ATOM   218 C  CG  . GLU A 1 29 ? -6.117  -7.137  -9.537  1.00 45.92 ? 229  GLU A CG  1 
ATOM   219 C  CD  . GLU A 1 29 ? -7.528  -7.153  -8.943  1.00 50.96 ? 229  GLU A CD  1 
ATOM   220 O  OE1 . GLU A 1 29 ? -8.071  -6.071  -8.611  1.00 53.96 ? 229  GLU A OE1 1 
ATOM   221 O  OE2 . GLU A 1 29 ? -8.103  -8.259  -8.809  1.00 53.99 ? 229  GLU A OE2 1 
ATOM   222 N  N   . HIS A 1 30 ? -2.766  -7.166  -7.646  1.00 39.83 ? 230  HIS A N   1 
ATOM   223 C  CA  . HIS A 1 30 ? -1.753  -8.190  -7.384  1.00 39.71 ? 230  HIS A CA  1 
ATOM   224 C  C   . HIS A 1 30 ? -1.528  -8.400  -5.879  1.00 39.21 ? 230  HIS A C   1 
ATOM   225 O  O   . HIS A 1 30 ? -1.547  -9.536  -5.402  1.00 39.01 ? 230  HIS A O   1 
ATOM   226 C  CB  . HIS A 1 30 ? -0.444  -7.815  -8.089  1.00 40.20 ? 230  HIS A CB  1 
ATOM   227 C  CG  . HIS A 1 30 ? 0.695   -8.750  -7.820  1.00 41.86 ? 230  HIS A CG  1 
ATOM   228 N  ND1 . HIS A 1 30 ? 0.842   -9.954  -8.474  1.00 43.70 ? 230  HIS A ND1 1 
ATOM   229 C  CD2 . HIS A 1 30 ? 1.756   -8.648  -6.980  1.00 43.50 ? 230  HIS A CD2 1 
ATOM   230 C  CE1 . HIS A 1 30 ? 1.935   -10.558 -8.043  1.00 44.22 ? 230  HIS A CE1 1 
ATOM   231 N  NE2 . HIS A 1 30 ? 2.507   -9.789  -7.135  1.00 44.75 ? 230  HIS A NE2 1 
ATOM   232 N  N   . PHE A 1 31 ? -1.345  -7.306  -5.136  1.00 38.62 ? 231  PHE A N   1 
ATOM   233 C  CA  . PHE A 1 31 ? -1.079  -7.375  -3.698  1.00 38.12 ? 231  PHE A CA  1 
ATOM   234 C  C   . PHE A 1 31 ? -2.213  -8.055  -2.939  1.00 38.41 ? 231  PHE A C   1 
ATOM   235 O  O   . PHE A 1 31 ? -1.969  -8.889  -2.068  1.00 37.82 ? 231  PHE A O   1 
ATOM   236 C  CB  . PHE A 1 31 ? -0.814  -5.982  -3.122  1.00 37.92 ? 231  PHE A CB  1 
ATOM   237 C  CG  . PHE A 1 31 ? -0.365  -5.991  -1.687  1.00 37.10 ? 231  PHE A CG  1 
ATOM   238 C  CD1 . PHE A 1 31 ? -1.292  -5.927  -0.651  1.00 36.00 ? 231  PHE A CD1 1 
ATOM   239 C  CD2 . PHE A 1 31 ? 0.988   -6.065  -1.374  1.00 37.18 ? 231  PHE A CD2 1 
ATOM   240 C  CE1 . PHE A 1 31 ? -0.883  -5.942  0.686   1.00 36.13 ? 231  PHE A CE1 1 
ATOM   241 C  CE2 . PHE A 1 31 ? 1.413   -6.078  -0.041  1.00 36.54 ? 231  PHE A CE2 1 
ATOM   242 C  CZ  . PHE A 1 31 ? 0.475   -6.013  0.987   1.00 35.95 ? 231  PHE A CZ  1 
ATOM   243 N  N   . SER A 1 32 ? -3.449  -7.688  -3.273  1.00 38.92 ? 232  SER A N   1 
ATOM   244 C  CA  . SER A 1 32 ? -4.624  -8.276  -2.647  1.00 39.69 ? 232  SER A CA  1 
ATOM   245 C  C   . SER A 1 32 ? -4.683  -9.781  -2.914  1.00 40.05 ? 232  SER A C   1 
ATOM   246 O  O   . SER A 1 32 ? -4.980  -10.564 -2.018  1.00 40.06 ? 232  SER A O   1 
ATOM   247 C  CB  . SER A 1 32 ? -5.895  -7.609  -3.169  1.00 39.90 ? 232  SER A CB  1 
ATOM   248 O  OG  . SER A 1 32 ? -7.041  -8.209  -2.590  1.00 39.88 ? 232  SER A OG  1 
ATOM   249 N  N   . LYS A 1 33 ? -4.375  -10.163 -4.148  1.00 40.70 ? 233  LYS A N   1 
ATOM   250 C  CA  . LYS A 1 33 ? -4.364  -11.558 -4.573  1.00 41.64 ? 233  LYS A CA  1 
ATOM   251 C  C   . LYS A 1 33 ? -3.306  -12.385 -3.816  1.00 41.35 ? 233  LYS A C   1 
ATOM   252 O  O   . LYS A 1 33 ? -3.609  -13.451 -3.280  1.00 41.71 ? 233  LYS A O   1 
ATOM   253 C  CB  . LYS A 1 33 ? -4.139  -11.621 -6.090  1.00 42.23 ? 233  LYS A CB  1 
ATOM   254 C  CG  . LYS A 1 33 ? -4.596  -12.919 -6.771  1.00 45.62 ? 233  LYS A CG  1 
ATOM   255 C  CD  . LYS A 1 33 ? -3.437  -13.879 -7.059  1.00 49.42 ? 233  LYS A CD  1 
ATOM   256 C  CE  . LYS A 1 33 ? -2.783  -13.586 -8.413  1.00 51.91 ? 233  LYS A CE  1 
ATOM   257 N  NZ  . LYS A 1 33 ? -1.460  -14.279 -8.535  1.00 53.43 ? 233  LYS A NZ  1 
ATOM   258 N  N   . VAL A 1 34 ? -2.081  -11.868 -3.747  1.00 40.52 ? 234  VAL A N   1 
ATOM   259 C  CA  . VAL A 1 34 ? -0.957  -12.607 -3.179  1.00 39.85 ? 234  VAL A CA  1 
ATOM   260 C  C   . VAL A 1 34 ? -0.976  -12.633 -1.643  1.00 39.61 ? 234  VAL A C   1 
ATOM   261 O  O   . VAL A 1 34 ? -0.759  -13.686 -1.028  1.00 39.19 ? 234  VAL A O   1 
ATOM   262 C  CB  . VAL A 1 34 ? 0.386   -12.054 -3.713  1.00 40.03 ? 234  VAL A CB  1 
ATOM   263 C  CG1 . VAL A 1 34 ? 1.573   -12.739 -3.047  1.00 40.25 ? 234  VAL A CG1 1 
ATOM   264 C  CG2 . VAL A 1 34 ? 0.455   -12.218 -5.226  1.00 39.55 ? 234  VAL A CG2 1 
ATOM   265 N  N   . TYR A 1 35 ? -1.254  -11.485 -1.026  1.00 38.99 ? 235  TYR A N   1 
ATOM   266 C  CA  . TYR A 1 35 ? -1.187  -11.379 0.434   1.00 38.67 ? 235  TYR A CA  1 
ATOM   267 C  C   . TYR A 1 35 ? -2.536  -11.514 1.145   1.00 38.98 ? 235  TYR A C   1 
ATOM   268 O  O   . TYR A 1 35 ? -2.595  -11.522 2.376   1.00 38.81 ? 235  TYR A O   1 
ATOM   269 C  CB  . TYR A 1 35 ? -0.415  -10.117 0.852   1.00 38.15 ? 235  TYR A CB  1 
ATOM   270 C  CG  . TYR A 1 35 ? 0.993   -10.155 0.327   1.00 37.99 ? 235  TYR A CG  1 
ATOM   271 C  CD1 . TYR A 1 35 ? 1.993   -10.839 1.016   1.00 37.43 ? 235  TYR A CD1 1 
ATOM   272 C  CD2 . TYR A 1 35 ? 1.316   -9.558  -0.890  1.00 37.59 ? 235  TYR A CD2 1 
ATOM   273 C  CE1 . TYR A 1 35 ? 3.283   -10.900 0.519   1.00 38.81 ? 235  TYR A CE1 1 
ATOM   274 C  CE2 . TYR A 1 35 ? 2.599   -9.614  -1.395  1.00 38.71 ? 235  TYR A CE2 1 
ATOM   275 C  CZ  . TYR A 1 35 ? 3.574   -10.290 -0.690  1.00 38.92 ? 235  TYR A CZ  1 
ATOM   276 O  OH  . TYR A 1 35 ? 4.847   -10.346 -1.195  1.00 40.94 ? 235  TYR A OH  1 
ATOM   277 N  N   . GLY A 1 36 ? -3.613  -11.643 0.373   1.00 39.39 ? 236  GLY A N   1 
ATOM   278 C  CA  . GLY A 1 36 ? -4.939  -11.916 0.941   1.00 39.98 ? 236  GLY A CA  1 
ATOM   279 C  C   . GLY A 1 36 ? -5.630  -10.769 1.668   1.00 40.59 ? 236  GLY A C   1 
ATOM   280 O  O   . GLY A 1 36 ? -6.642  -10.984 2.344   1.00 41.08 ? 236  GLY A O   1 
ATOM   281 N  N   . VAL A 1 37 ? -5.091  -9.559  1.532   1.00 40.67 ? 237  VAL A N   1 
ATOM   282 C  CA  . VAL A 1 37 ? -5.679  -8.358  2.135   1.00 40.87 ? 237  VAL A CA  1 
ATOM   283 C  C   . VAL A 1 37 ? -6.750  -7.805  1.192   1.00 41.34 ? 237  VAL A C   1 
ATOM   284 O  O   . VAL A 1 37 ? -6.497  -7.664  -0.001  1.00 41.31 ? 237  VAL A O   1 
ATOM   285 C  CB  . VAL A 1 37 ? -4.596  -7.269  2.381   1.00 40.81 ? 237  VAL A CB  1 
ATOM   286 C  CG1 . VAL A 1 37 ? -5.162  -6.110  3.196   1.00 40.42 ? 237  VAL A CG1 1 
ATOM   287 C  CG2 . VAL A 1 37 ? -3.380  -7.855  3.085   1.00 40.03 ? 237  VAL A CG2 1 
ATOM   288 N  N   . GLU A 1 38 ? -7.936  -7.491  1.717   1.00 42.09 ? 238  GLU A N   1 
ATOM   289 C  CA  . GLU A 1 38 ? -9.004  -6.875  0.907   1.00 42.92 ? 238  GLU A CA  1 
ATOM   290 C  C   . GLU A 1 38 ? -8.517  -5.602  0.236   1.00 43.04 ? 238  GLU A C   1 
ATOM   291 O  O   . GLU A 1 38 ? -7.778  -4.833  0.846   1.00 42.83 ? 238  GLU A O   1 
ATOM   292 C  CB  . GLU A 1 38 ? -10.222 -6.531  1.769   1.00 43.36 ? 238  GLU A CB  1 
ATOM   293 C  CG  . GLU A 1 38 ? -10.909 -7.724  2.410   1.00 44.68 ? 238  GLU A CG  1 
ATOM   294 C  CD  . GLU A 1 38 ? -11.140 -8.837  1.423   1.00 46.97 ? 238  GLU A CD  1 
ATOM   295 O  OE1 . GLU A 1 38 ? -11.766 -8.572  0.372   1.00 48.57 ? 238  GLU A OE1 1 
ATOM   296 O  OE2 . GLU A 1 38 ? -10.685 -9.972  1.689   1.00 48.04 ? 238  GLU A OE2 1 
ATOM   297 N  N   . LYS A 1 39 ? -8.932  -5.381  -1.011  1.00 43.40 ? 239  LYS A N   1 
ATOM   298 C  CA  . LYS A 1 39 ? -8.530  -4.184  -1.759  1.00 44.03 ? 239  LYS A CA  1 
ATOM   299 C  C   . LYS A 1 39 ? -8.829  -2.896  -0.992  1.00 44.22 ? 239  LYS A C   1 
ATOM   300 O  O   . LYS A 1 39 ? -7.997  -1.992  -0.955  1.00 44.35 ? 239  LYS A O   1 
ATOM   301 C  CB  . LYS A 1 39 ? -9.183  -4.136  -3.151  1.00 43.97 ? 239  LYS A CB  1 
ATOM   302 C  CG  . LYS A 1 39 ? -8.600  -5.139  -4.148  1.00 45.27 ? 239  LYS A CG  1 
ATOM   303 C  CD  . LYS A 1 39 ? -9.026  -4.861  -5.604  1.00 47.65 ? 239  LYS A CD  1 
ATOM   304 C  CE  . LYS A 1 39 ? -8.397  -3.557  -6.153  1.00 48.24 ? 239  LYS A CE  1 
ATOM   305 N  NZ  . LYS A 1 39 ? -8.296  -3.504  -7.648  1.00 47.76 ? 239  LYS A NZ  1 
ATOM   306 N  N   . GLN A 1 40 ? -10.004 -2.823  -0.369  1.00 44.61 ? 240  GLN A N   1 
ATOM   307 C  CA  . GLN A 1 40 ? -10.398 -1.620  0.374   1.00 45.18 ? 240  GLN A CA  1 
ATOM   308 C  C   . GLN A 1 40 ? -9.584  -1.440  1.657   1.00 44.40 ? 240  GLN A C   1 
ATOM   309 O  O   . GLN A 1 40 ? -9.411  -0.319  2.129   1.00 44.04 ? 240  GLN A O   1 
ATOM   310 C  CB  . GLN A 1 40 ? -11.916 -1.578  0.645   1.00 45.85 ? 240  GLN A CB  1 
ATOM   311 C  CG  . GLN A 1 40 ? -12.450 -2.658  1.593   1.00 49.37 ? 240  GLN A CG  1 
ATOM   312 C  CD  . GLN A 1 40 ? -12.831 -3.977  0.897   1.00 54.32 ? 240  GLN A CD  1 
ATOM   313 O  OE1 . GLN A 1 40 ? -12.553 -4.193  -0.299  1.00 55.85 ? 240  GLN A OE1 1 
ATOM   314 N  NE2 . GLN A 1 40 ? -13.471 -4.873  1.658   1.00 55.84 ? 240  GLN A NE2 1 
ATOM   315 N  N   . GLU A 1 41 ? -9.077  -2.543  2.207   1.00 43.79 ? 241  GLU A N   1 
ATOM   316 C  CA  . GLU A 1 41 ? -8.171  -2.467  3.348   1.00 43.38 ? 241  GLU A CA  1 
ATOM   317 C  C   . GLU A 1 41 ? -6.790  -1.930  2.933   1.00 42.36 ? 241  GLU A C   1 
ATOM   318 O  O   . GLU A 1 41 ? -6.188  -1.145  3.662   1.00 41.84 ? 241  GLU A O   1 
ATOM   319 C  CB  . GLU A 1 41 ? -8.066  -3.816  4.073   1.00 43.72 ? 241  GLU A CB  1 
ATOM   320 C  CG  . GLU A 1 41 ? -7.084  -3.845  5.260   1.00 46.49 ? 241  GLU A CG  1 
ATOM   321 C  CD  . GLU A 1 41 ? -7.438  -2.872  6.388   1.00 50.23 ? 241  GLU A CD  1 
ATOM   322 O  OE1 . GLU A 1 41 ? -8.631  -2.507  6.533   1.00 52.30 ? 241  GLU A OE1 1 
ATOM   323 O  OE2 . GLU A 1 41 ? -6.515  -2.479  7.141   1.00 52.42 ? 241  GLU A OE2 1 
ATOM   324 N  N   . VAL A 1 42 ? -6.307  -2.340  1.759   1.00 41.48 ? 242  VAL A N   1 
ATOM   325 C  CA  . VAL A 1 42 ? -5.058  -1.799  1.204   1.00 40.80 ? 242  VAL A CA  1 
ATOM   326 C  C   . VAL A 1 42 ? -5.194  -0.289  0.982   1.00 40.89 ? 242  VAL A C   1 
ATOM   327 O  O   . VAL A 1 42 ? -4.322  0.480   1.370   1.00 40.86 ? 242  VAL A O   1 
ATOM   328 C  CB  . VAL A 1 42 ? -4.640  -2.510  -0.115  1.00 40.52 ? 242  VAL A CB  1 
ATOM   329 C  CG1 . VAL A 1 42 ? -3.385  -1.876  -0.709  1.00 39.04 ? 242  VAL A CG1 1 
ATOM   330 C  CG2 . VAL A 1 42 ? -4.403  -3.988  0.130   1.00 40.09 ? 242  VAL A CG2 1 
ATOM   331 N  N   . VAL A 1 43 ? -6.304  0.120   0.374   1.00 41.36 ? 243  VAL A N   1 
ATOM   332 C  CA  . VAL A 1 43 ? -6.608  1.533   0.119   1.00 41.72 ? 243  VAL A CA  1 
ATOM   333 C  C   . VAL A 1 43 ? -6.657  2.322   1.428   1.00 42.24 ? 243  VAL A C   1 
ATOM   334 O  O   . VAL A 1 43 ? -6.049  3.389   1.535   1.00 42.03 ? 243  VAL A O   1 
ATOM   335 C  CB  . VAL A 1 43 ? -7.939  1.684   -0.663  1.00 41.64 ? 243  VAL A CB  1 
ATOM   336 C  CG1 . VAL A 1 43 ? -8.440  3.141   -0.657  1.00 41.79 ? 243  VAL A CG1 1 
ATOM   337 C  CG2 . VAL A 1 43 ? -7.770  1.180   -2.094  1.00 41.59 ? 243  VAL A CG2 1 
ATOM   338 N  N   . LYS A 1 44 ? -7.364  1.772   2.415   1.00 42.62 ? 244  LYS A N   1 
ATOM   339 C  CA  . LYS A 1 44 ? -7.448  2.350   3.753   1.00 43.76 ? 244  LYS A CA  1 
ATOM   340 C  C   . LYS A 1 44 ? -6.057  2.567   4.369   1.00 43.64 ? 244  LYS A C   1 
ATOM   341 O  O   . LYS A 1 44 ? -5.778  3.642   4.904   1.00 43.67 ? 244  LYS A O   1 
ATOM   342 C  CB  . LYS A 1 44 ? -8.326  1.458   4.647   1.00 44.23 ? 244  LYS A CB  1 
ATOM   343 C  CG  . LYS A 1 44 ? -8.502  1.910   6.097   1.00 46.78 ? 244  LYS A CG  1 
ATOM   344 C  CD  . LYS A 1 44 ? -9.547  1.019   6.781   1.00 50.84 ? 244  LYS A CD  1 
ATOM   345 C  CE  . LYS A 1 44 ? -9.260  0.837   8.266   1.00 53.18 ? 244  LYS A CE  1 
ATOM   346 N  NZ  . LYS A 1 44 ? -9.769  1.990   9.065   1.00 56.09 ? 244  LYS A NZ  1 
ATOM   347 N  N   . LEU A 1 45 ? -5.182  1.561   4.275   1.00 43.46 ? 245  LEU A N   1 
ATOM   348 C  CA  . LEU A 1 45 ? -3.816  1.685   4.803   1.00 43.09 ? 245  LEU A CA  1 
ATOM   349 C  C   . LEU A 1 45 ? -2.981  2.717   4.042   1.00 42.96 ? 245  LEU A C   1 
ATOM   350 O  O   . LEU A 1 45 ? -2.196  3.451   4.647   1.00 42.78 ? 245  LEU A O   1 
ATOM   351 C  CB  . LEU A 1 45 ? -3.096  0.330   4.828   1.00 43.16 ? 245  LEU A CB  1 
ATOM   352 C  CG  . LEU A 1 45 ? -3.630  -0.757  5.769   1.00 43.39 ? 245  LEU A CG  1 
ATOM   353 C  CD1 . LEU A 1 45 ? -3.074  -2.115  5.388   1.00 43.12 ? 245  LEU A CD1 1 
ATOM   354 C  CD2 . LEU A 1 45 ? -3.340  -0.437  7.237   1.00 43.83 ? 245  LEU A CD2 1 
ATOM   355 N  N   . LEU A 1 46 ? -3.152  2.774   2.721   1.00 42.86 ? 246  LEU A N   1 
ATOM   356 C  CA  . LEU A 1 46 ? -2.451  3.763   1.899   1.00 42.88 ? 246  LEU A CA  1 
ATOM   357 C  C   . LEU A 1 46 ? -2.864  5.180   2.257   1.00 43.26 ? 246  LEU A C   1 
ATOM   358 O  O   . LEU A 1 46 ? -2.023  6.076   2.305   1.00 43.02 ? 246  LEU A O   1 
ATOM   359 C  CB  . LEU A 1 46 ? -2.704  3.535   0.408   1.00 42.74 ? 246  LEU A CB  1 
ATOM   360 C  CG  . LEU A 1 46 ? -1.947  2.428   -0.323  1.00 42.42 ? 246  LEU A CG  1 
ATOM   361 C  CD1 . LEU A 1 46 ? -2.536  2.279   -1.715  1.00 40.65 ? 246  LEU A CD1 1 
ATOM   362 C  CD2 . LEU A 1 46 ? -0.452  2.723   -0.390  1.00 41.03 ? 246  LEU A CD2 1 
ATOM   363 N  N   . GLU A 1 47 ? -4.163  5.375   2.492   1.00 43.86 ? 247  GLU A N   1 
ATOM   364 C  CA  . GLU A 1 47 ? -4.691  6.686   2.870   1.00 44.79 ? 247  GLU A CA  1 
ATOM   365 C  C   . GLU A 1 47 ? -4.114  7.175   4.192   1.00 44.96 ? 247  GLU A C   1 
ATOM   366 O  O   . GLU A 1 47 ? -3.770  8.347   4.315   1.00 45.40 ? 247  GLU A O   1 
ATOM   367 C  CB  . GLU A 1 47 ? -6.224  6.683   2.923   1.00 45.01 ? 247  GLU A CB  1 
ATOM   368 C  CG  . GLU A 1 47 ? -6.904  6.512   1.561   1.00 46.20 ? 247  GLU A CG  1 
ATOM   369 C  CD  . GLU A 1 47 ? -6.549  7.601   0.546   1.00 48.06 ? 247  GLU A CD  1 
ATOM   370 O  OE1 . GLU A 1 47 ? -6.065  8.688   0.937   1.00 48.93 ? 247  GLU A OE1 1 
ATOM   371 O  OE2 . GLU A 1 47 ? -6.764  7.366   -0.660  1.00 49.41 ? 247  GLU A OE2 1 
ATOM   372 N  N   . ALA A 1 48 ? -3.995  6.273   5.165   1.00 45.28 ? 248  ALA A N   1 
ATOM   373 C  CA  . ALA A 1 48 ? -3.406  6.606   6.462   1.00 45.52 ? 248  ALA A CA  1 
ATOM   374 C  C   . ALA A 1 48 ? -1.922  6.966   6.339   1.00 45.74 ? 248  ALA A C   1 
ATOM   375 O  O   . ALA A 1 48 ? -1.456  7.900   6.995   1.00 45.76 ? 248  ALA A O   1 
ATOM   376 C  CB  . ALA A 1 48 ? -3.610  5.473   7.458   1.00 45.41 ? 248  ALA A CB  1 
ATOM   377 N  N   . LEU A 1 49 ? -1.195  6.235   5.491   1.00 45.74 ? 249  LEU A N   1 
ATOM   378 C  CA  . LEU A 1 49 ? 0.203   6.553   5.182   1.00 45.93 ? 249  LEU A CA  1 
ATOM   379 C  C   . LEU A 1 49 ? 0.337   7.909   4.487   1.00 46.46 ? 249  LEU A C   1 
ATOM   380 O  O   . LEU A 1 49 ? 1.227   8.693   4.815   1.00 46.27 ? 249  LEU A O   1 
ATOM   381 C  CB  . LEU A 1 49 ? 0.839   5.456   4.317   1.00 45.67 ? 249  LEU A CB  1 
ATOM   382 C  CG  . LEU A 1 49 ? 1.145   4.111   4.984   1.00 45.20 ? 249  LEU A CG  1 
ATOM   383 C  CD1 . LEU A 1 49 ? 1.611   3.090   3.951   1.00 43.33 ? 249  LEU A CD1 1 
ATOM   384 C  CD2 . LEU A 1 49 ? 2.182   4.271   6.098   1.00 44.15 ? 249  LEU A CD2 1 
ATOM   385 N  N   . LYS A 1 50 ? -0.555  8.173   3.535   1.00 47.03 ? 250  LYS A N   1 
ATOM   386 C  CA  . LYS A 1 50 ? -0.578  9.435   2.809   1.00 48.17 ? 250  LYS A CA  1 
ATOM   387 C  C   . LYS A 1 50 ? -0.888  10.606  3.742   1.00 48.90 ? 250  LYS A C   1 
ATOM   388 O  O   . LYS A 1 50 ? -0.204  11.629  3.708   1.00 49.18 ? 250  LYS A O   1 
ATOM   389 C  CB  . LYS A 1 50 ? -1.598  9.376   1.671   1.00 48.13 ? 250  LYS A CB  1 
ATOM   390 C  CG  . LYS A 1 50 ? -1.530  10.554  0.711   1.00 49.55 ? 250  LYS A CG  1 
ATOM   391 C  CD  . LYS A 1 50 ? -2.611  10.480  -0.364  1.00 51.69 ? 250  LYS A CD  1 
ATOM   392 C  CE  . LYS A 1 50 ? -3.921  11.080  0.126   1.00 53.45 ? 250  LYS A CE  1 
ATOM   393 N  NZ  . LYS A 1 50 ? -4.919  11.186  -0.978  1.00 54.44 ? 250  LYS A NZ  1 
ATOM   394 N  N   . ASN A 1 51 ? -1.907  10.439  4.583   1.00 49.63 ? 251  ASN A N   1 
ATOM   395 C  CA  . ASN A 1 51 ? -2.332  11.491  5.509   1.00 50.38 ? 251  ASN A CA  1 
ATOM   396 C  C   . ASN A 1 51 ? -1.328  11.771  6.630   1.00 50.16 ? 251  ASN A C   1 
ATOM   397 O  O   . ASN A 1 51 ? -1.310  12.867  7.180   1.00 50.60 ? 251  ASN A O   1 
ATOM   398 C  CB  . ASN A 1 51 ? -3.736  11.207  6.063   1.00 50.74 ? 251  ASN A CB  1 
ATOM   399 C  CG  . ASN A 1 51 ? -4.818  11.238  4.978   1.00 52.32 ? 251  ASN A CG  1 
ATOM   400 O  OD1 . ASN A 1 51 ? -4.676  11.908  3.949   1.00 54.06 ? 251  ASN A OD1 1 
ATOM   401 N  ND2 . ASN A 1 51 ? -5.904  10.507  5.208   1.00 53.78 ? 251  ASN A ND2 1 
ATOM   402 N  N   . LYS A 1 52 ? -0.477  10.795  6.941   1.00 49.89 ? 252  LYS A N   1 
ATOM   403 C  CA  . LYS A 1 52 ? 0.641   11.007  7.863   1.00 49.19 ? 252  LYS A CA  1 
ATOM   404 C  C   . LYS A 1 52 ? 1.871   11.605  7.175   1.00 48.59 ? 252  LYS A C   1 
ATOM   405 O  O   . LYS A 1 52 ? 2.910   11.799  7.812   1.00 48.75 ? 252  LYS A O   1 
ATOM   406 C  CB  . LYS A 1 52 ? 1.021   9.702   8.565   1.00 49.43 ? 252  LYS A CB  1 
ATOM   407 C  CG  . LYS A 1 52 ? -0.001  9.230   9.577   1.00 50.09 ? 252  LYS A CG  1 
ATOM   408 C  CD  . LYS A 1 52 ? 0.399   7.893   10.164  1.00 51.35 ? 252  LYS A CD  1 
ATOM   409 C  CE  . LYS A 1 52 ? -0.763  7.291   10.926  1.00 52.40 ? 252  LYS A CE  1 
ATOM   410 N  NZ  . LYS A 1 52 ? -0.346  6.065   11.641  1.00 52.93 ? 252  LYS A NZ  1 
ATOM   411 N  N   . GLY A 1 53 ? 1.748   11.888  5.876   1.00 47.70 ? 253  GLY A N   1 
ATOM   412 C  CA  . GLY A 1 53 ? 2.843   12.430  5.071   1.00 46.44 ? 253  GLY A CA  1 
ATOM   413 C  C   . GLY A 1 53 ? 4.030   11.492  4.892   1.00 45.44 ? 253  GLY A C   1 
ATOM   414 O  O   . GLY A 1 53 ? 5.152   11.941  4.652   1.00 45.43 ? 253  GLY A O   1 
ATOM   415 N  N   . LEU A 1 54 ? 3.783   10.188  5.007   1.00 44.26 ? 254  LEU A N   1 
ATOM   416 C  CA  . LEU A 1 54 ? 4.845   9.188   4.900   1.00 43.03 ? 254  LEU A CA  1 
ATOM   417 C  C   . LEU A 1 54 ? 5.114   8.755   3.455   1.00 42.30 ? 254  LEU A C   1 
ATOM   418 O  O   . LEU A 1 54 ? 6.227   8.337   3.124   1.00 41.51 ? 254  LEU A O   1 
ATOM   419 C  CB  . LEU A 1 54 ? 4.530   7.973   5.777   1.00 43.26 ? 254  LEU A CB  1 
ATOM   420 C  CG  . LEU A 1 54 ? 4.601   8.182   7.295   1.00 44.22 ? 254  LEU A CG  1 
ATOM   421 C  CD1 . LEU A 1 54 ? 4.079   6.959   8.039   1.00 44.82 ? 254  LEU A CD1 1 
ATOM   422 C  CD2 . LEU A 1 54 ? 6.024   8.517   7.746   1.00 44.88 ? 254  LEU A CD2 1 
ATOM   423 N  N   . ILE A 1 55 ? 4.092   8.857   2.605   1.00 41.58 ? 255  ILE A N   1 
ATOM   424 C  CA  . ILE A 1 55 ? 4.210   8.502   1.187   1.00 41.11 ? 255  ILE A CA  1 
ATOM   425 C  C   . ILE A 1 55 ? 3.657   9.602   0.282   1.00 41.19 ? 255  ILE A C   1 
ATOM   426 O  O   . ILE A 1 55 ? 2.773   10.353  0.688   1.00 41.27 ? 255  ILE A O   1 
ATOM   427 C  CB  . ILE A 1 55 ? 3.506   7.153   0.857   1.00 40.98 ? 255  ILE A CB  1 
ATOM   428 C  CG1 . ILE A 1 55 ? 1.990   7.233   1.089   1.00 40.23 ? 255  ILE A CG1 1 
ATOM   429 C  CG2 . ILE A 1 55 ? 4.124   6.010   1.670   1.00 40.48 ? 255  ILE A CG2 1 
ATOM   430 C  CD1 . ILE A 1 55 ? 1.215   6.003   0.601   1.00 39.50 ? 255  ILE A CD1 1 
ATOM   431 N  N   . ALA A 1 56 ? 4.192   9.684   -0.935  1.00 41.23 ? 256  ALA A N   1 
ATOM   432 C  CA  . ALA A 1 56 ? 3.652   10.534  -1.991  1.00 41.53 ? 256  ALA A CA  1 
ATOM   433 C  C   . ALA A 1 56 ? 3.166   9.643   -3.134  1.00 41.82 ? 256  ALA A C   1 
ATOM   434 O  O   . ALA A 1 56 ? 3.967   9.041   -3.857  1.00 41.74 ? 256  ALA A O   1 
ATOM   435 C  CB  . ALA A 1 56 ? 4.702   11.528  -2.484  1.00 41.43 ? 256  ALA A CB  1 
ATOM   436 N  N   . VAL A 1 57 ? 1.848   9.555   -3.281  1.00 42.05 ? 257  VAL A N   1 
ATOM   437 C  CA  . VAL A 1 57 ? 1.223   8.638   -4.230  1.00 42.55 ? 257  VAL A CA  1 
ATOM   438 C  C   . VAL A 1 57 ? 1.265   9.199   -5.646  1.00 42.96 ? 257  VAL A C   1 
ATOM   439 O  O   . VAL A 1 57 ? 1.029   10.392  -5.842  1.00 42.88 ? 257  VAL A O   1 
ATOM   440 C  CB  . VAL A 1 57 ? -0.235  8.344   -3.819  1.00 42.47 ? 257  VAL A CB  1 
ATOM   441 C  CG1 . VAL A 1 57 ? -0.920  7.445   -4.835  1.00 42.45 ? 257  VAL A CG1 1 
ATOM   442 C  CG2 . VAL A 1 57 ? -0.266  7.702   -2.447  1.00 42.83 ? 257  VAL A CG2 1 
ATOM   443 N  N   . GLU A 1 58 ? 1.576   8.339   -6.616  1.00 43.52 ? 258  GLU A N   1 
ATOM   444 C  CA  . GLU A 1 58 ? 1.578   8.698   -8.044  1.00 44.63 ? 258  GLU A CA  1 
ATOM   445 C  C   . GLU A 1 58 ? 0.791   7.700   -8.876  1.00 45.25 ? 258  GLU A C   1 
ATOM   446 O  O   . GLU A 1 58 ? 0.603   6.551   -8.460  1.00 44.98 ? 258  GLU A O   1 
ATOM   447 C  CB  . GLU A 1 58 ? 2.984   8.688   -8.639  1.00 44.53 ? 258  GLU A CB  1 
ATOM   448 C  CG  . GLU A 1 58 ? 4.071   9.366   -7.869  1.00 45.93 ? 258  GLU A CG  1 
ATOM   449 C  CD  . GLU A 1 58 ? 5.431   9.087   -8.485  1.00 46.06 ? 258  GLU A CD  1 
ATOM   450 O  OE1 . GLU A 1 58 ? 5.535   8.251   -9.424  1.00 45.19 ? 258  GLU A OE1 1 
ATOM   451 O  OE2 . GLU A 1 58 ? 6.405   9.706   -8.030  1.00 47.13 ? 258  GLU A OE2 1 
ATOM   452 N  N   . SER A 1 59 ? 0.413   8.151   -10.081 1.00 46.17 ? 259  SER A N   1 
ATOM   453 C  CA  . SER A 1 59 ? -0.331  7.384   -11.108 1.00 47.17 ? 259  SER A CA  1 
ATOM   454 C  C   . SER A 1 59 ? -1.710  6.884   -10.680 1.00 47.40 ? 259  SER A C   1 
ATOM   455 O  O   . SER A 1 59 ? -2.577  7.672   -10.305 1.00 47.52 ? 259  SER A O   1 
ATOM   456 C  CB  . SER A 1 59 ? 0.513   6.238   -11.689 1.00 47.42 ? 259  SER A CB  1 
ATOM   457 O  OG  . SER A 1 59 ? 1.488   6.745   -12.583 1.00 48.32 ? 259  SER A OG  1 
ATOM   458 N  N   . ILE B 2 3  ? 8.630   16.522  10.340  1.00 55.52 ? 253  ILE B N   1 
ATOM   459 C  CA  . ILE B 2 3  ? 8.067   16.346  8.962   1.00 55.41 ? 253  ILE B CA  1 
ATOM   460 C  C   . ILE B 2 3  ? 8.914   15.349  8.155   1.00 54.71 ? 253  ILE B C   1 
ATOM   461 O  O   . ILE B 2 3  ? 10.037  15.669  7.735   1.00 55.01 ? 253  ILE B O   1 
ATOM   462 C  CB  . ILE B 2 3  ? 7.843   17.717  8.213   1.00 55.73 ? 253  ILE B CB  1 
ATOM   463 C  CG1 . ILE B 2 3  ? 7.612   17.496  6.705   1.00 56.40 ? 253  ILE B CG1 1 
ATOM   464 C  CG2 . ILE B 2 3  ? 8.995   18.714  8.491   1.00 56.32 ? 253  ILE B CG2 1 
ATOM   465 C  CD1 . ILE B 2 3  ? 6.963   18.672  5.972   1.00 56.99 ? 253  ILE B CD1 1 
ATOM   466 N  N   . PRO B 2 4  ? 8.389   14.120  7.957   1.00 53.70 ? 254  PRO B N   1 
ATOM   467 C  CA  . PRO B 2 4  ? 9.147   13.142  7.173   1.00 52.52 ? 254  PRO B CA  1 
ATOM   468 C  C   . PRO B 2 4  ? 9.263   13.547  5.702   1.00 51.18 ? 254  PRO B C   1 
ATOM   469 O  O   . PRO B 2 4  ? 8.449   14.332  5.191   1.00 50.96 ? 254  PRO B O   1 
ATOM   470 C  CB  . PRO B 2 4  ? 8.326   11.844  7.318   1.00 52.80 ? 254  PRO B CB  1 
ATOM   471 C  CG  . PRO B 2 4  ? 7.416   12.069  8.494   1.00 53.23 ? 254  PRO B CG  1 
ATOM   472 C  CD  . PRO B 2 4  ? 7.135   13.548  8.485   1.00 53.86 ? 254  PRO B CD  1 
ATOM   473 N  N   . LEU B 2 5  ? 10.299  13.037  5.044   1.00 49.44 ? 255  LEU B N   1 
ATOM   474 C  CA  . LEU B 2 5  ? 10.411  13.143  3.608   1.00 47.65 ? 255  LEU B CA  1 
ATOM   475 C  C   . LEU B 2 5  ? 9.517   12.052  3.023   1.00 46.22 ? 255  LEU B C   1 
ATOM   476 O  O   . LEU B 2 5  ? 9.730   10.868  3.303   1.00 46.13 ? 255  LEU B O   1 
ATOM   477 C  CB  . LEU B 2 5  ? 11.865  12.958  3.169   1.00 47.60 ? 255  LEU B CB  1 
ATOM   478 C  CG  . LEU B 2 5  ? 12.178  13.258  1.705   1.00 47.71 ? 255  LEU B CG  1 
ATOM   479 C  CD1 . LEU B 2 5  ? 11.904  14.718  1.369   1.00 47.04 ? 255  LEU B CD1 1 
ATOM   480 C  CD2 . LEU B 2 5  ? 13.623  12.906  1.415   1.00 47.78 ? 255  LEU B CD2 1 
ATOM   481 N  N   . PRO B 2 6  ? 8.499   12.444  2.232   1.00 44.90 ? 256  PRO B N   1 
ATOM   482 C  CA  . PRO B 2 6  ? 7.546   11.460  1.711   1.00 43.85 ? 256  PRO B CA  1 
ATOM   483 C  C   . PRO B 2 6  ? 8.216   10.487  0.734   1.00 42.71 ? 256  PRO B C   1 
ATOM   484 O  O   . PRO B 2 6  ? 8.924   10.919  -0.171  1.00 42.20 ? 256  PRO B O   1 
ATOM   485 C  CB  . PRO B 2 6  ? 6.507   12.315  0.971   1.00 43.90 ? 256  PRO B CB  1 
ATOM   486 C  CG  . PRO B 2 6  ? 6.783   13.728  1.356   1.00 44.83 ? 256  PRO B CG  1 
ATOM   487 C  CD  . PRO B 2 6  ? 8.225   13.798  1.725   1.00 44.83 ? 256  PRO B CD  1 
ATOM   488 N  N   . ILE B 2 7  ? 7.994   9.189   0.932   1.00 41.41 ? 257  ILE B N   1 
ATOM   489 C  CA  . ILE B 2 7  ? 8.492   8.167   0.010   1.00 40.42 ? 257  ILE B CA  1 
ATOM   490 C  C   . ILE B 2 7  ? 7.571   8.076   -1.210  1.00 39.64 ? 257  ILE B C   1 
ATOM   491 O  O   . ILE B 2 7  ? 6.374   7.848   -1.059  1.00 39.68 ? 257  ILE B O   1 
ATOM   492 C  CB  . ILE B 2 7  ? 8.601   6.793   0.712   1.00 40.77 ? 257  ILE B CB  1 
ATOM   493 C  CG1 . ILE B 2 7  ? 9.686   6.854   1.793   1.00 40.67 ? 257  ILE B CG1 1 
ATOM   494 C  CG2 . ILE B 2 7  ? 8.888   5.672   -0.302  1.00 39.75 ? 257  ILE B CG2 1 
ATOM   495 C  CD1 . ILE B 2 7  ? 9.556   5.795   2.858   1.00 41.93 ? 257  ILE B CD1 1 
ATOM   496 N  N   . PRO B 2 8  ? 8.118   8.270   -2.425  1.00 38.93 ? 258  PRO B N   1 
ATOM   497 C  CA  . PRO B 2 8  ? 7.252   8.185   -3.608  1.00 38.64 ? 258  PRO B CA  1 
ATOM   498 C  C   . PRO B 2 8  ? 6.779   6.750   -3.885  1.00 38.50 ? 258  PRO B C   1 
ATOM   499 O  O   . PRO B 2 8  ? 7.564   5.802   -3.769  1.00 37.94 ? 258  PRO B O   1 
ATOM   500 C  CB  . PRO B 2 8  ? 8.141   8.706   -4.741  1.00 38.80 ? 258  PRO B CB  1 
ATOM   501 C  CG  . PRO B 2 8  ? 9.537   8.555   -4.247  1.00 38.82 ? 258  PRO B CG  1 
ATOM   502 C  CD  . PRO B 2 8  ? 9.494   8.675   -2.763  1.00 38.71 ? 258  PRO B CD  1 
ATOM   503 N  N   . VAL B 2 9  ? 5.491   6.607   -4.208  1.00 38.05 ? 259  VAL B N   1 
ATOM   504 C  CA  . VAL B 2 9  ? 4.880   5.306   -4.478  1.00 37.67 ? 259  VAL B CA  1 
ATOM   505 C  C   . VAL B 2 9  ? 3.999   5.401   -5.707  1.00 37.40 ? 259  VAL B C   1 
ATOM   506 O  O   . VAL B 2 9  ? 3.042   6.181   -5.731  1.00 37.24 ? 259  VAL B O   1 
ATOM   507 C  CB  . VAL B 2 9  ? 3.980   4.807   -3.314  1.00 37.62 ? 259  VAL B CB  1 
ATOM   508 C  CG1 . VAL B 2 9  ? 3.618   3.332   -3.524  1.00 37.85 ? 259  VAL B CG1 1 
ATOM   509 C  CG2 . VAL B 2 9  ? 4.663   4.980   -1.981  1.00 39.17 ? 259  VAL B CG2 1 
ATOM   510 N  N   . LYS B 2 10 ? 4.326   4.621   -6.732  1.00 36.73 ? 260  LYS B N   1 
ATOM   511 C  CA  . LYS B 2 10 ? 3.431   4.454   -7.865  1.00 36.65 ? 260  LYS B CA  1 
ATOM   512 C  C   . LYS B 2 10 ? 2.451   3.342   -7.507  1.00 36.26 ? 260  LYS B C   1 
ATOM   513 O  O   . LYS B 2 10 ? 2.865   2.223   -7.208  1.00 35.91 ? 260  LYS B O   1 
ATOM   514 C  CB  . LYS B 2 10 ? 4.210   4.087   -9.132  1.00 37.00 ? 260  LYS B CB  1 
ATOM   515 C  CG  . LYS B 2 10 ? 3.346   3.983   -10.386 1.00 38.53 ? 260  LYS B CG  1 
ATOM   516 C  CD  . LYS B 2 10 ? 4.149   3.399   -11.537 1.00 41.84 ? 260  LYS B CD  1 
ATOM   517 C  CE  . LYS B 2 10 ? 3.254   2.949   -12.690 1.00 44.64 ? 260  LYS B CE  1 
ATOM   518 N  NZ  . LYS B 2 10 ? 3.305   3.890   -13.846 1.00 47.44 ? 260  LYS B NZ  1 
ATOM   519 N  N   . VAL B 2 11 ? 1.161   3.667   -7.511  1.00 36.00 ? 261  VAL B N   1 
ATOM   520 C  CA  . VAL B 2 11 ? 0.115   2.709   -7.169  1.00 36.23 ? 261  VAL B CA  1 
ATOM   521 C  C   . VAL B 2 11 ? -0.757  2.463   -8.402  1.00 36.63 ? 261  VAL B C   1 
ATOM   522 O  O   . VAL B 2 11 ? -1.257  3.415   -8.999  1.00 37.02 ? 261  VAL B O   1 
ATOM   523 C  CB  . VAL B 2 11 ? -0.755  3.210   -5.987  1.00 36.09 ? 261  VAL B CB  1 
ATOM   524 C  CG1 . VAL B 2 11 ? -1.768  2.151   -5.573  1.00 35.81 ? 261  VAL B CG1 1 
ATOM   525 C  CG2 . VAL B 2 11 ? 0.111   3.576   -4.794  1.00 35.90 ? 261  VAL B CG2 1 
ATOM   526 N  N   . ILE B 2 12 ? -0.914  1.199   -8.796  1.00 36.81 ? 262  ILE B N   1 
ATOM   527 C  CA  . ILE B 2 12 ? -1.757  0.852   -9.948  1.00 37.17 ? 262  ILE B CA  1 
ATOM   528 C  C   . ILE B 2 12 ? -2.897  -0.089  -9.559  1.00 37.51 ? 262  ILE B C   1 
ATOM   529 O  O   . ILE B 2 12 ? -2.928  -0.626  -8.446  1.00 36.81 ? 262  ILE B O   1 
ATOM   530 C  CB  . ILE B 2 12 ? -0.948  0.262   -11.149 1.00 36.86 ? 262  ILE B CB  1 
ATOM   531 C  CG1 . ILE B 2 12 ? -0.410  -1.141  -10.829 1.00 36.87 ? 262  ILE B CG1 1 
ATOM   532 C  CG2 . ILE B 2 12 ? 0.174   1.214   -11.560 1.00 37.06 ? 262  ILE B CG2 1 
ATOM   533 C  CD1 . ILE B 2 12 ? 0.142   -1.900  -12.031 1.00 37.12 ? 262  ILE B CD1 1 
ATOM   534 N  N   . ASN B 2 13 ? -3.837  -0.260  -10.488 1.00 38.45 ? 263  ASN B N   1 
ATOM   535 C  CA  . ASN B 2 13 ? -4.968  -1.181  -10.343 1.00 39.19 ? 263  ASN B CA  1 
ATOM   536 C  C   . ASN B 2 13 ? -5.732  -1.001  -9.045  1.00 39.72 ? 263  ASN B C   1 
ATOM   537 O  O   . ASN B 2 13 ? -5.948  -1.956  -8.296  1.00 39.96 ? 263  ASN B O   1 
ATOM   538 C  CB  . ASN B 2 13 ? -4.494  -2.625  -10.527 1.00 39.32 ? 263  ASN B CB  1 
ATOM   539 C  CG  . ASN B 2 13 ? -3.837  -2.839  -11.873 1.00 40.20 ? 263  ASN B CG  1 
ATOM   540 O  OD1 . ASN B 2 13 ? -4.092  -2.089  -12.812 1.00 41.83 ? 263  ASN B OD1 1 
ATOM   541 N  ND2 . ASN B 2 13 ? -2.981  -3.847  -11.973 1.00 40.49 ? 263  ASN B ND2 1 
ATOM   542 N  N   . THR B 2 14 ? -6.135  0.235   -8.783  1.00 40.27 ? 264  THR B N   1 
ATOM   543 C  CA  . THR B 2 14 ? -6.820  0.568   -7.544  1.00 41.37 ? 264  THR B CA  1 
ATOM   544 C  C   . THR B 2 14 ? -8.330  0.343   -7.647  1.00 42.24 ? 264  THR B C   1 
ATOM   545 O  O   . THR B 2 14 ? -9.023  0.303   -6.632  1.00 42.27 ? 264  THR B O   1 
ATOM   546 C  CB  . THR B 2 14 ? -6.556  2.026   -7.137  1.00 41.44 ? 264  THR B CB  1 
ATOM   547 O  OG1 . THR B 2 14 ? -7.209  2.893   -8.065  1.00 41.88 ? 264  THR B OG1 1 
ATOM   548 C  CG2 . THR B 2 14 ? -5.062  2.333   -7.145  1.00 41.32 ? 264  THR B CG2 1 
ATOM   549 N  N   . LEU B 2 15 ? -8.835  0.200   -8.870  1.00 43.22 ? 265  LEU B N   1 
ATOM   550 C  CA  . LEU B 2 15 ? -10.279 0.087   -9.083  1.00 44.41 ? 265  LEU B CA  1 
ATOM   551 C  C   . LEU B 2 15 ? -10.732 -1.337  -9.401  1.00 45.12 ? 265  LEU B C   1 
ATOM   552 O  O   . LEU B 2 15 ? -11.901 -1.679  -9.172  1.00 46.39 ? 265  LEU B O   1 
ATOM   553 C  CB  . LEU B 2 15 ? -10.753 1.063   -10.166 1.00 44.34 ? 265  LEU B CB  1 
ATOM   554 C  CG  . LEU B 2 15 ? -10.477 2.550   -9.911  1.00 45.19 ? 265  LEU B CG  1 
ATOM   555 C  CD1 . LEU B 2 15 ? -10.895 3.366   -11.107 1.00 46.78 ? 265  LEU B CD1 1 
ATOM   556 C  CD2 . LEU B 2 15 ? -11.168 3.062   -8.662  1.00 45.29 ? 265  LEU B CD2 1 
HETATM 557 CD CD  . CD  C 3 .  ? -11.756 -10.854 -0.786  1.00 69.93 ? 1260 CD  A CD  1 
HETATM 558 CD CD  . CD  D 3 .  ? -5.723  -17.173 4.495   1.00 40.24 ? 1261 CD  A CD  1 
HETATM 559 O  O   . HOH E 4 .  ? -7.805  -20.687 1.188   1.00 64.27 ? 2001 HOH A O   1 
HETATM 560 O  O   . HOH E 4 .  ? -7.318  -21.671 -2.957  1.00 63.26 ? 2002 HOH A O   1 
HETATM 561 O  O   . HOH E 4 .  ? -8.598  -20.544 4.727   1.00 38.93 ? 2003 HOH A O   1 
HETATM 562 O  O   . HOH E 4 .  ? -6.671  -20.061 -1.028  1.00 64.17 ? 2004 HOH A O   1 
HETATM 563 O  O   . HOH E 4 .  ? -7.737  -16.789 3.855   1.00 35.88 ? 2005 HOH A O   1 
HETATM 564 O  O   . HOH E 4 .  ? -12.907 -10.416 -3.201  1.00 58.44 ? 2006 HOH A O   1 
HETATM 565 O  O   . HOH E 4 .  ? -8.291  -7.695  4.429   1.00 45.04 ? 2007 HOH A O   1 
HETATM 566 O  O   . HOH E 4 .  ? -4.606  -11.454 9.115   1.00 52.41 ? 2008 HOH A O   1 
HETATM 567 O  O   . HOH E 4 .  ? 4.186   -3.923  11.868  1.00 56.22 ? 2009 HOH A O   1 
HETATM 568 O  O   . HOH E 4 .  ? -1.867  -0.272  10.991  1.00 51.94 ? 2010 HOH A O   1 
HETATM 569 O  O   . HOH E 4 .  ? 2.011   0.143   11.695  1.00 46.40 ? 2011 HOH A O   1 
HETATM 570 O  O   . HOH E 4 .  ? 1.821   -10.537 7.735   1.00 54.26 ? 2012 HOH A O   1 
HETATM 571 O  O   . HOH E 4 .  ? 6.514   -5.863  4.634   1.00 48.73 ? 2013 HOH A O   1 
HETATM 572 O  O   . HOH E 4 .  ? 2.569   -5.058  -5.784  1.00 25.25 ? 2014 HOH A O   1 
HETATM 573 O  O   . HOH E 4 .  ? 8.699   -6.289  3.127   1.00 55.92 ? 2015 HOH A O   1 
HETATM 574 O  O   . HOH E 4 .  ? -1.029  -16.313 -1.290  1.00 34.46 ? 2016 HOH A O   1 
HETATM 575 O  O   . HOH E 4 .  ? -1.014  -11.157 4.527   1.00 39.97 ? 2017 HOH A O   1 
HETATM 576 O  O   . HOH E 4 .  ? 8.248   8.495   4.962   1.00 49.61 ? 2018 HOH A O   1 
HETATM 577 O  O   . HOH F 4 .  ? 5.774   14.509  5.164   1.00 49.94 ? 2001 HOH B O   1 
HETATM 578 O  O   . HOH F 4 .  ? 12.872  11.827  6.877   1.00 50.53 ? 2002 HOH B O   1 
# 
